data_6FQE
#
_entry.id   6FQE
#
_cell.length_a   54.550
_cell.length_b   81.300
_cell.length_c   70.610
_cell.angle_alpha   90.00
_cell.angle_beta   94.96
_cell.angle_gamma   90.00
#
_symmetry.space_group_name_H-M   'P 1 21 1'
#
loop_
_entity.id
_entity.type
_entity.pdbx_description
1 polymer 'Parathion hydrolase'
2 polymer 'Parathion hydrolase'
3 non-polymer 'FORMIC ACID'
4 non-polymer 'ZINC ION'
5 non-polymer (4~{S},6~{R})-2,2,6-trimethyl-1,3-dioxan-4-ol
6 non-polymer DI(HYDROXYETHYL)ETHER
7 water water
#
loop_
_entity_poly.entity_id
_entity_poly.type
_entity_poly.pdbx_seq_one_letter_code
_entity_poly.pdbx_strand_id
1 'polypeptide(L)'
;ISEFTINSGDRINTVRGPITISEAGFTLTHEHICGSSAGFLRAWPEFFGSRAALVEKAVRGLRRARAAGVRTIVDVSTFD
AGRDVSLLAEVSRAADVHIVAATGLWEDPPLSMRLRSVEELTQFFLREIQYGIEDTGIRAGIIKVATQGKATPFQELVLR
AAARASLATGVPVTTHTFASQRDGEQQAAIFESEGLSPSRVCIGHSDDTDDLSYLTALAARGYLIGLDGIPHSAIGLEDN
ASASALLGNRSWQTRALLIKALIDQGYMKQILVSNDWLFGFSSYVTNIMDVMDSVNPDGMAFIPLRVIPFLREKGVPQET
LAGITVTNPARFLSPTLRAS
;
A
2 'polypeptide(L)'
;ISEFITNSGDRINTVRGPITISEAGFTLTHEHICGSSAGFLRAWPEFFGSRAALVEKAVRGLRRARAAGVRTIVDVSTFD
AGRDVSLLAEVSRAADVHIVAATGLWEDPPLSMRLRSVEELTQFFLREIQYGIEDTGIRAGIIKVATQGKATPFQELVLR
AAARASLATGVPVTTHTFASQRDGEQQAAIFESEGLSPSRVCIGHSDDTDDLSYLTALAARGYLIGLDGIPHSAIGLEDN
ASASALLGNRSWQTRALLIKALIDQGYMKQILVSNDWLFGFSSYVTNIMDVMDSVNPDGMAFIPLRVIPFLREKGVPQET
LAGITVTNPARFLSPTLRAS
;
B
#
# COMPACT_ATOMS: atom_id res chain seq x y z
N ASP A 10 12.82 -17.60 -26.96
CA ASP A 10 13.98 -18.39 -26.58
C ASP A 10 14.23 -18.34 -25.07
N ARG A 11 13.94 -17.21 -24.45
CA ARG A 11 14.32 -16.96 -23.06
C ARG A 11 13.13 -16.51 -22.23
N ILE A 12 13.21 -16.80 -20.94
CA ILE A 12 12.22 -16.43 -19.94
C ILE A 12 12.92 -15.58 -18.88
N ASN A 13 12.32 -14.46 -18.51
CA ASN A 13 12.94 -13.62 -17.50
C ASN A 13 12.67 -14.18 -16.10
N THR A 14 13.73 -14.31 -15.30
CA THR A 14 13.61 -14.70 -13.90
C THR A 14 14.24 -13.62 -13.02
N VAL A 15 14.12 -13.81 -11.70
CA VAL A 15 14.71 -12.83 -10.78
C VAL A 15 16.22 -12.90 -10.75
N ARG A 16 16.82 -13.93 -11.35
CA ARG A 16 18.27 -13.98 -11.53
C ARG A 16 18.68 -13.65 -12.96
N GLY A 17 17.77 -13.17 -13.79
CA GLY A 17 18.09 -12.88 -15.17
C GLY A 17 17.41 -13.84 -16.12
N PRO A 18 17.74 -13.73 -17.41
CA PRO A 18 17.09 -14.58 -18.41
C PRO A 18 17.62 -16.00 -18.40
N ILE A 19 16.73 -16.95 -18.64
CA ILE A 19 17.09 -18.35 -18.75
C ILE A 19 16.50 -18.91 -20.03
N THR A 20 17.10 -19.98 -20.52
CA THR A 20 16.54 -20.61 -21.69
C THR A 20 15.38 -21.53 -21.29
N ILE A 21 14.58 -21.89 -22.29
CA ILE A 21 13.35 -22.65 -22.03
C ILE A 21 13.67 -23.98 -21.37
N SER A 22 14.74 -24.65 -21.83
CA SER A 22 15.08 -25.96 -21.29
C SER A 22 15.52 -25.90 -19.83
N GLU A 23 15.94 -24.73 -19.35
CA GLU A 23 16.40 -24.61 -17.97
C GLU A 23 15.26 -24.57 -16.96
N ALA A 24 14.04 -24.24 -17.38
CA ALA A 24 12.94 -24.11 -16.45
C ALA A 24 12.63 -25.44 -15.75
N GLY A 25 12.64 -26.54 -16.50
CA GLY A 25 12.36 -27.83 -15.89
C GLY A 25 10.98 -27.90 -15.25
N PHE A 26 10.86 -28.77 -14.25
CA PHE A 26 9.65 -28.88 -13.44
C PHE A 26 9.27 -27.51 -12.85
N THR A 27 8.10 -27.00 -13.22
CA THR A 27 7.73 -25.63 -12.87
C THR A 27 6.38 -25.61 -12.17
N LEU A 28 6.33 -24.94 -11.02
CA LEU A 28 5.09 -24.64 -10.33
C LEU A 28 4.61 -23.27 -10.79
N THR A 29 3.42 -23.19 -11.38
CA THR A 29 3.05 -21.98 -12.10
C THR A 29 2.24 -20.96 -11.30
N HIS A 30 1.90 -21.22 -10.03
CA HIS A 30 1.16 -20.23 -9.24
C HIS A 30 1.58 -20.42 -7.77
N GLU A 31 2.50 -19.58 -7.31
CA GLU A 31 3.08 -19.68 -5.98
C GLU A 31 3.35 -18.27 -5.45
N HIS A 32 3.64 -18.20 -4.16
CA HIS A 32 4.00 -16.93 -3.52
C HIS A 32 5.14 -17.15 -2.54
N ILE A 33 6.19 -16.35 -2.62
CA ILE A 33 7.13 -16.34 -1.49
C ILE A 33 6.45 -15.72 -0.27
N CYS A 34 5.77 -14.59 -0.46
CA CYS A 34 5.13 -13.92 0.67
C CYS A 34 3.90 -13.20 0.15
N GLY A 35 2.74 -13.55 0.70
CA GLY A 35 1.51 -12.86 0.35
C GLY A 35 1.34 -11.70 1.31
N SER A 36 1.56 -10.48 0.83
CA SER A 36 1.49 -9.33 1.72
C SER A 36 0.80 -8.16 1.04
N SER A 37 1.27 -6.94 1.31
CA SER A 37 0.74 -5.71 0.72
C SER A 37 1.92 -4.82 0.38
N ALA A 38 1.74 -3.95 -0.62
CA ALA A 38 2.84 -3.09 -1.06
C ALA A 38 3.44 -2.35 0.14
N GLY A 39 4.78 -2.40 0.23
CA GLY A 39 5.52 -1.73 1.30
C GLY A 39 5.47 -2.37 2.67
N PHE A 40 4.64 -3.41 2.87
CA PHE A 40 4.39 -3.90 4.23
C PHE A 40 5.59 -4.67 4.79
N LEU A 41 6.20 -5.53 3.98
CA LEU A 41 7.36 -6.28 4.44
C LEU A 41 8.48 -5.35 4.90
N ARG A 42 8.71 -4.26 4.16
CA ARG A 42 9.76 -3.31 4.53
C ARG A 42 9.37 -2.49 5.76
N ALA A 43 8.08 -2.19 5.94
CA ALA A 43 7.67 -1.32 7.04
C ALA A 43 7.47 -2.07 8.35
N TRP A 44 7.11 -3.36 8.31
CA TRP A 44 6.79 -4.10 9.53
C TRP A 44 7.27 -5.55 9.40
N PRO A 45 8.58 -5.75 9.22
CA PRO A 45 9.09 -7.11 9.06
C PRO A 45 8.88 -7.97 10.29
N GLU A 46 8.74 -7.34 11.47
CA GLU A 46 8.50 -8.09 12.69
C GLU A 46 7.17 -8.81 12.65
N PHE A 47 6.25 -8.42 11.76
CA PHE A 47 5.03 -9.22 11.59
C PHE A 47 5.38 -10.66 11.23
N PHE A 48 6.48 -10.86 10.49
CA PHE A 48 6.93 -12.17 10.09
C PHE A 48 8.05 -12.70 11.00
N GLY A 49 8.11 -12.22 12.24
CA GLY A 49 9.25 -12.52 13.09
C GLY A 49 10.40 -11.57 12.79
N SER A 50 10.99 -11.73 11.62
CA SER A 50 11.95 -10.78 11.07
C SER A 50 12.07 -11.06 9.58
N ARG A 51 12.66 -10.12 8.85
CA ARG A 51 12.98 -10.38 7.46
C ARG A 51 13.89 -11.60 7.34
N ALA A 52 14.91 -11.69 8.20
CA ALA A 52 15.83 -12.81 8.15
C ALA A 52 15.12 -14.13 8.40
N ALA A 53 14.17 -14.16 9.34
CA ALA A 53 13.44 -15.39 9.61
C ALA A 53 12.59 -15.79 8.40
N LEU A 54 11.97 -14.82 7.74
CA LEU A 54 11.17 -15.11 6.55
C LEU A 54 12.04 -15.64 5.42
N VAL A 55 13.21 -15.03 5.22
CA VAL A 55 14.17 -15.54 4.23
C VAL A 55 14.52 -16.99 4.56
N GLU A 56 14.93 -17.25 5.81
CA GLU A 56 15.32 -18.60 6.19
C GLU A 56 14.21 -19.60 5.94
N LYS A 57 12.96 -19.22 6.27
CA LYS A 57 11.83 -20.12 6.10
C LYS A 57 11.58 -20.40 4.63
N ALA A 58 11.62 -19.35 3.81
CA ALA A 58 11.39 -19.53 2.38
C ALA A 58 12.51 -20.34 1.74
N VAL A 59 13.75 -20.15 2.19
CA VAL A 59 14.85 -20.92 1.62
C VAL A 59 14.73 -22.39 2.01
N ARG A 60 14.41 -22.68 3.27
CA ARG A 60 14.20 -24.08 3.65
C ARG A 60 13.07 -24.69 2.84
N GLY A 61 11.98 -23.93 2.64
CA GLY A 61 10.86 -24.47 1.88
C GLY A 61 11.17 -24.67 0.40
N LEU A 62 11.85 -23.71 -0.23
CA LEU A 62 12.18 -23.90 -1.62
C LEU A 62 13.23 -24.99 -1.81
N ARG A 63 14.14 -25.14 -0.86
CA ARG A 63 15.10 -26.25 -0.95
C ARG A 63 14.41 -27.60 -0.85
N ARG A 64 13.36 -27.71 -0.01
CA ARG A 64 12.60 -28.95 0.04
C ARG A 64 11.88 -29.21 -1.26
N ALA A 65 11.31 -28.15 -1.87
CA ALA A 65 10.68 -28.33 -3.18
C ALA A 65 11.70 -28.74 -4.22
N ARG A 66 12.89 -28.15 -4.17
CA ARG A 66 13.94 -28.50 -5.13
C ARG A 66 14.34 -29.97 -4.99
N ALA A 67 14.48 -30.46 -3.76
CA ALA A 67 14.83 -31.86 -3.55
C ALA A 67 13.76 -32.79 -4.09
N ALA A 68 12.52 -32.32 -4.11
CA ALA A 68 11.41 -33.09 -4.65
C ALA A 68 11.28 -32.98 -6.17
N GLY A 69 12.14 -32.18 -6.81
CA GLY A 69 12.19 -32.12 -8.26
C GLY A 69 11.83 -30.77 -8.86
N VAL A 70 11.32 -29.82 -8.07
CA VAL A 70 10.93 -28.51 -8.61
C VAL A 70 12.19 -27.75 -9.02
N ARG A 71 12.18 -27.17 -10.22
CA ARG A 71 13.30 -26.37 -10.66
C ARG A 71 12.97 -24.90 -10.85
N THR A 72 11.68 -24.57 -11.01
CA THR A 72 11.21 -23.20 -11.20
C THR A 72 9.88 -23.01 -10.50
N ILE A 73 9.68 -21.85 -9.88
CA ILE A 73 8.32 -21.45 -9.50
C ILE A 73 8.00 -20.11 -10.15
N VAL A 74 6.71 -19.89 -10.40
CA VAL A 74 6.24 -18.59 -10.85
C VAL A 74 5.60 -17.92 -9.64
N ASP A 75 6.22 -16.85 -9.15
CA ASP A 75 5.64 -16.09 -8.04
C ASP A 75 4.64 -15.09 -8.61
N VAL A 76 3.35 -15.36 -8.41
CA VAL A 76 2.33 -14.52 -9.03
C VAL A 76 1.87 -13.43 -8.09
N SER A 77 2.75 -13.00 -7.16
CA SER A 77 2.48 -11.84 -6.33
C SER A 77 2.69 -10.57 -7.13
N THR A 78 1.66 -9.71 -7.14
CA THR A 78 1.73 -8.41 -7.81
C THR A 78 2.22 -7.34 -6.85
N PHE A 79 2.37 -6.12 -7.39
CA PHE A 79 2.59 -4.94 -6.58
C PHE A 79 1.73 -4.91 -5.33
N ASP A 80 0.41 -5.01 -5.49
CA ASP A 80 -0.51 -4.83 -4.36
C ASP A 80 -0.63 -6.07 -3.47
N ALA A 81 -0.10 -7.22 -3.90
CA ALA A 81 0.09 -8.37 -3.02
C ALA A 81 1.43 -8.35 -2.32
N GLY A 82 2.12 -7.21 -2.37
CA GLY A 82 3.32 -7.05 -1.56
C GLY A 82 4.57 -7.67 -2.11
N ARG A 83 4.57 -8.06 -3.39
CA ARG A 83 5.76 -8.52 -4.08
C ARG A 83 6.97 -7.66 -3.73
N ASP A 84 8.02 -8.30 -3.22
CA ASP A 84 9.32 -7.69 -2.96
C ASP A 84 10.31 -8.48 -3.80
N VAL A 85 10.64 -7.97 -4.98
CA VAL A 85 11.42 -8.78 -5.90
C VAL A 85 12.83 -9.01 -5.36
N SER A 86 13.31 -8.12 -4.49
N SER A 86 13.32 -8.11 -4.50
CA SER A 86 14.61 -8.34 -3.86
CA SER A 86 14.61 -8.33 -3.86
C SER A 86 14.57 -9.53 -2.91
C SER A 86 14.56 -9.53 -2.91
N LEU A 87 13.43 -9.75 -2.26
CA LEU A 87 13.24 -10.99 -1.49
C LEU A 87 13.25 -12.20 -2.42
N LEU A 88 12.51 -12.11 -3.53
CA LEU A 88 12.44 -13.22 -4.47
C LEU A 88 13.84 -13.58 -4.96
N ALA A 89 14.64 -12.57 -5.29
CA ALA A 89 15.99 -12.82 -5.79
C ALA A 89 16.83 -13.51 -4.73
N GLU A 90 16.76 -13.02 -3.48
CA GLU A 90 17.57 -13.60 -2.42
C GLU A 90 17.22 -15.07 -2.18
N VAL A 91 15.92 -15.37 -2.14
CA VAL A 91 15.49 -16.74 -1.85
C VAL A 91 15.75 -17.65 -3.05
N SER A 92 15.55 -17.15 -4.27
CA SER A 92 15.86 -17.93 -5.46
C SER A 92 17.33 -18.32 -5.49
N ARG A 93 18.20 -17.38 -5.18
CA ARG A 93 19.64 -17.63 -5.23
C ARG A 93 20.05 -18.67 -4.18
N ALA A 94 19.50 -18.57 -2.98
CA ALA A 94 19.91 -19.42 -1.87
C ALA A 94 19.26 -20.80 -1.88
N ALA A 95 18.22 -20.98 -2.70
CA ALA A 95 17.62 -22.30 -2.86
C ALA A 95 17.90 -22.90 -4.23
N ASP A 96 18.55 -22.16 -5.12
CA ASP A 96 18.83 -22.57 -6.49
C ASP A 96 17.55 -23.08 -7.16
N VAL A 97 16.51 -22.26 -7.08
CA VAL A 97 15.25 -22.50 -7.76
C VAL A 97 14.95 -21.23 -8.54
N HIS A 98 14.72 -21.35 -9.85
CA HIS A 98 14.35 -20.19 -10.63
C HIS A 98 13.03 -19.63 -10.11
N ILE A 99 12.91 -18.30 -10.08
CA ILE A 99 11.63 -17.66 -9.76
C ILE A 99 11.30 -16.66 -10.86
N VAL A 100 10.14 -16.83 -11.48
CA VAL A 100 9.60 -15.85 -12.42
C VAL A 100 8.71 -14.89 -11.64
N ALA A 101 8.96 -13.59 -11.77
CA ALA A 101 8.18 -12.57 -11.08
C ALA A 101 7.05 -12.07 -11.98
N ALA A 102 6.05 -11.45 -11.34
CA ALA A 102 4.83 -11.03 -12.01
C ALA A 102 4.66 -9.52 -11.99
N THR A 103 3.99 -8.99 -13.02
CA THR A 103 3.38 -7.67 -12.93
C THR A 103 1.86 -7.87 -12.89
N GLY A 104 1.11 -6.79 -13.11
CA GLY A 104 -0.34 -6.86 -13.02
C GLY A 104 -0.84 -6.33 -11.68
N LEU A 105 -2.12 -6.59 -11.41
CA LEU A 105 -2.71 -6.19 -10.14
C LEU A 105 -3.65 -7.28 -9.63
N TRP A 106 -3.68 -7.43 -8.30
CA TRP A 106 -4.42 -8.46 -7.60
C TRP A 106 -5.65 -7.80 -6.96
N GLU A 107 -6.12 -8.30 -5.82
CA GLU A 107 -7.42 -7.85 -5.33
C GLU A 107 -7.35 -6.65 -4.39
N ASP A 108 -6.18 -6.03 -4.20
CA ASP A 108 -6.04 -4.94 -3.23
C ASP A 108 -5.24 -3.73 -3.75
N PRO A 109 -5.58 -3.19 -4.91
CA PRO A 109 -4.86 -2.00 -5.43
C PRO A 109 -5.12 -0.77 -4.56
N PRO A 110 -4.07 -0.02 -4.22
CA PRO A 110 -4.27 1.23 -3.48
C PRO A 110 -4.81 2.30 -4.40
N LEU A 111 -5.13 3.45 -3.79
CA LEU A 111 -5.68 4.57 -4.55
C LEU A 111 -4.81 4.95 -5.75
N SER A 112 -3.48 4.96 -5.58
CA SER A 112 -2.63 5.40 -6.67
C SER A 112 -2.71 4.48 -7.88
N MET A 113 -3.18 3.24 -7.69
CA MET A 113 -3.46 2.35 -8.81
C MET A 113 -4.92 2.44 -9.25
N ARG A 114 -5.85 2.43 -8.29
CA ARG A 114 -7.29 2.40 -8.60
C ARG A 114 -7.73 3.61 -9.41
N LEU A 115 -7.00 4.71 -9.35
CA LEU A 115 -7.38 5.94 -10.04
C LEU A 115 -6.84 6.01 -11.45
N ARG A 116 -6.09 5.02 -11.91
CA ARG A 116 -5.38 5.13 -13.18
C ARG A 116 -6.23 4.62 -14.35
N SER A 117 -5.92 5.16 -15.53
CA SER A 117 -6.62 4.80 -16.76
C SER A 117 -6.09 3.47 -17.31
N VAL A 118 -6.79 2.91 -18.30
CA VAL A 118 -6.28 1.70 -18.94
C VAL A 118 -4.92 1.97 -19.59
N GLU A 119 -4.74 3.18 -20.15
CA GLU A 119 -3.47 3.52 -20.78
C GLU A 119 -2.35 3.60 -19.75
N GLU A 120 -2.64 4.21 -18.60
CA GLU A 120 -1.65 4.30 -17.53
C GLU A 120 -1.27 2.93 -16.99
N LEU A 121 -2.27 2.08 -16.75
CA LEU A 121 -1.98 0.73 -16.27
C LEU A 121 -1.16 -0.05 -17.29
N THR A 122 -1.49 0.09 -18.58
CA THR A 122 -0.68 -0.56 -19.61
C THR A 122 0.78 -0.10 -19.51
N GLN A 123 1.00 1.20 -19.31
CA GLN A 123 2.38 1.68 -19.21
C GLN A 123 3.07 1.09 -17.98
N PHE A 124 2.34 0.98 -16.86
CA PHE A 124 2.95 0.40 -15.66
C PHE A 124 3.31 -1.08 -15.88
N PHE A 125 2.37 -1.87 -16.43
CA PHE A 125 2.70 -3.27 -16.67
C PHE A 125 3.86 -3.40 -17.64
N LEU A 126 3.88 -2.59 -18.69
CA LEU A 126 4.98 -2.64 -19.65
C LEU A 126 6.30 -2.29 -18.98
N ARG A 127 6.28 -1.30 -18.07
CA ARG A 127 7.51 -0.92 -17.38
C ARG A 127 8.10 -2.12 -16.64
N GLU A 128 7.27 -2.85 -15.91
CA GLU A 128 7.78 -3.96 -15.11
C GLU A 128 8.27 -5.11 -15.97
N ILE A 129 7.75 -5.26 -17.19
CA ILE A 129 8.16 -6.32 -18.11
C ILE A 129 9.40 -5.91 -18.92
N GLN A 130 9.37 -4.70 -19.47
CA GLN A 130 10.36 -4.27 -20.44
C GLN A 130 11.56 -3.57 -19.82
N TYR A 131 11.34 -2.85 -18.71
CA TYR A 131 12.40 -2.09 -18.06
C TYR A 131 12.90 -2.76 -16.80
N GLY A 132 11.99 -3.08 -15.88
CA GLY A 132 12.36 -3.70 -14.63
C GLY A 132 11.41 -3.31 -13.54
N ILE A 133 11.46 -4.06 -12.45
CA ILE A 133 10.63 -3.82 -11.28
C ILE A 133 11.39 -2.91 -10.32
N GLU A 134 10.77 -1.79 -9.97
CA GLU A 134 11.36 -0.80 -9.06
C GLU A 134 12.71 -0.40 -9.65
N ASP A 135 13.78 -0.34 -8.86
CA ASP A 135 15.10 -0.02 -9.38
C ASP A 135 16.01 -1.26 -9.47
N THR A 136 15.44 -2.45 -9.56
CA THR A 136 16.20 -3.69 -9.43
C THR A 136 16.71 -4.24 -10.74
N GLY A 137 16.21 -3.76 -11.88
CA GLY A 137 16.55 -4.37 -13.15
C GLY A 137 15.90 -5.72 -13.40
N ILE A 138 15.19 -6.27 -12.42
CA ILE A 138 14.51 -7.57 -12.57
C ILE A 138 13.20 -7.37 -13.32
N ARG A 139 13.02 -8.13 -14.40
CA ARG A 139 11.87 -7.96 -15.28
C ARG A 139 10.85 -9.06 -15.01
N ALA A 140 9.56 -8.69 -15.06
CA ALA A 140 8.51 -9.67 -14.87
C ALA A 140 8.37 -10.56 -16.11
N GLY A 141 8.04 -11.82 -15.87
CA GLY A 141 7.79 -12.79 -16.92
C GLY A 141 6.35 -13.24 -17.08
N ILE A 142 5.41 -12.60 -16.37
CA ILE A 142 4.01 -12.99 -16.41
C ILE A 142 3.21 -11.81 -15.88
N ILE A 143 1.94 -11.74 -16.27
CA ILE A 143 1.03 -10.69 -15.85
C ILE A 143 -0.11 -11.35 -15.08
N LYS A 144 -0.33 -10.92 -13.85
CA LYS A 144 -1.38 -11.44 -12.98
C LYS A 144 -2.56 -10.46 -12.90
N VAL A 145 -3.78 -10.99 -13.03
CA VAL A 145 -5.01 -10.20 -12.91
C VAL A 145 -6.00 -10.96 -12.03
N ALA A 146 -7.07 -10.26 -11.63
CA ALA A 146 -7.99 -10.89 -10.68
C ALA A 146 -9.41 -10.36 -10.84
N THR A 147 -10.40 -11.24 -10.69
CA THR A 147 -11.76 -10.85 -10.40
C THR A 147 -12.28 -11.72 -9.27
N GLN A 148 -13.33 -11.23 -8.60
CA GLN A 148 -14.04 -11.97 -7.54
C GLN A 148 -15.53 -11.90 -7.83
N GLY A 149 -15.97 -12.69 -8.80
CA GLY A 149 -17.29 -12.46 -9.37
C GLY A 149 -17.20 -11.44 -10.50
N LYS A 150 -18.34 -10.87 -10.84
CA LYS A 150 -18.39 -9.83 -11.89
C LYS A 150 -17.30 -8.79 -11.68
N ALA A 151 -16.59 -8.47 -12.75
CA ALA A 151 -15.50 -7.50 -12.65
C ALA A 151 -16.03 -6.12 -12.27
N THR A 152 -15.33 -5.46 -11.35
CA THR A 152 -15.52 -4.04 -11.12
C THR A 152 -15.10 -3.27 -12.38
N PRO A 153 -15.51 -2.01 -12.50
CA PRO A 153 -15.01 -1.22 -13.63
C PRO A 153 -13.50 -1.14 -13.66
N PHE A 154 -12.87 -0.98 -12.49
CA PHE A 154 -11.40 -0.95 -12.48
C PHE A 154 -10.81 -2.28 -12.92
N GLN A 155 -11.39 -3.39 -12.45
CA GLN A 155 -10.87 -4.70 -12.86
C GLN A 155 -11.00 -4.91 -14.37
N GLU A 156 -12.05 -4.36 -14.99
CA GLU A 156 -12.11 -4.42 -16.45
C GLU A 156 -10.93 -3.69 -17.08
N LEU A 157 -10.55 -2.54 -16.51
CA LEU A 157 -9.38 -1.81 -17.00
C LEU A 157 -8.10 -2.63 -16.86
N VAL A 158 -7.93 -3.32 -15.73
CA VAL A 158 -6.73 -4.12 -15.54
C VAL A 158 -6.68 -5.28 -16.54
N LEU A 159 -7.83 -5.93 -16.78
CA LEU A 159 -7.84 -7.04 -17.74
C LEU A 159 -7.44 -6.55 -19.13
N ARG A 160 -7.97 -5.39 -19.54
CA ARG A 160 -7.63 -4.86 -20.86
C ARG A 160 -6.16 -4.42 -20.91
N ALA A 161 -5.67 -3.78 -19.85
CA ALA A 161 -4.27 -3.39 -19.81
C ALA A 161 -3.35 -4.62 -19.83
N ALA A 162 -3.74 -5.69 -19.14
CA ALA A 162 -2.96 -6.93 -19.17
C ALA A 162 -2.90 -7.51 -20.57
N ALA A 163 -4.05 -7.53 -21.26
CA ALA A 163 -4.06 -8.01 -22.64
C ALA A 163 -3.15 -7.17 -23.53
N ARG A 164 -3.23 -5.83 -23.40
CA ARG A 164 -2.38 -4.97 -24.21
C ARG A 164 -0.92 -5.18 -23.91
N ALA A 165 -0.57 -5.36 -22.62
CA ALA A 165 0.84 -5.61 -22.28
C ALA A 165 1.31 -6.96 -22.81
N SER A 166 0.44 -7.98 -22.73
CA SER A 166 0.80 -9.29 -23.27
C SER A 166 1.02 -9.21 -24.78
N LEU A 167 0.14 -8.51 -25.49
CA LEU A 167 0.28 -8.46 -26.93
C LEU A 167 1.57 -7.76 -27.33
N ALA A 168 1.98 -6.76 -26.55
CA ALA A 168 3.19 -6.00 -26.86
C ALA A 168 4.47 -6.75 -26.55
N THR A 169 4.44 -7.68 -25.58
CA THR A 169 5.64 -8.33 -25.08
C THR A 169 5.66 -9.83 -25.32
N GLY A 170 4.52 -10.46 -25.53
CA GLY A 170 4.44 -11.89 -25.62
C GLY A 170 4.40 -12.63 -24.29
N VAL A 171 4.52 -11.94 -23.16
CA VAL A 171 4.47 -12.66 -21.89
C VAL A 171 3.02 -13.03 -21.61
N PRO A 172 2.76 -14.13 -20.93
CA PRO A 172 1.38 -14.62 -20.76
C PRO A 172 0.66 -13.92 -19.62
N VAL A 173 -0.65 -14.16 -19.55
CA VAL A 173 -1.52 -13.62 -18.52
C VAL A 173 -2.03 -14.79 -17.69
N THR A 174 -2.05 -14.63 -16.37
CA THR A 174 -2.59 -15.64 -15.47
C THR A 174 -3.58 -14.96 -14.53
N THR A 175 -4.66 -15.66 -14.18
CA THR A 175 -5.75 -14.97 -13.49
C THR A 175 -6.11 -15.63 -12.18
N HIS A 176 -6.63 -14.79 -11.28
CA HIS A 176 -7.34 -15.19 -10.07
C HIS A 176 -8.82 -15.14 -10.42
N THR A 177 -9.56 -16.21 -10.07
CA THR A 177 -11.01 -16.23 -10.28
C THR A 177 -11.71 -16.59 -8.98
N PHE A 178 -13.00 -16.21 -8.93
CA PHE A 178 -14.01 -16.91 -8.13
C PHE A 178 -14.56 -17.97 -9.06
N ALA A 179 -13.98 -19.17 -9.00
CA ALA A 179 -14.29 -20.19 -10.00
C ALA A 179 -15.75 -20.63 -9.96
N SER A 180 -16.35 -20.64 -8.77
CA SER A 180 -17.76 -21.06 -8.72
C SER A 180 -18.70 -20.03 -9.32
N GLN A 181 -18.24 -18.81 -9.57
CA GLN A 181 -19.03 -17.85 -10.35
C GLN A 181 -18.57 -17.77 -11.80
N ARG A 182 -17.78 -18.75 -12.25
CA ARG A 182 -17.39 -18.89 -13.65
C ARG A 182 -16.67 -17.66 -14.19
N ASP A 183 -15.86 -17.01 -13.34
CA ASP A 183 -15.24 -15.74 -13.74
C ASP A 183 -14.42 -15.89 -15.01
N GLY A 184 -13.88 -17.08 -15.27
CA GLY A 184 -13.07 -17.27 -16.47
C GLY A 184 -13.81 -16.90 -17.74
N GLU A 185 -15.14 -17.06 -17.75
CA GLU A 185 -15.91 -16.71 -18.93
C GLU A 185 -15.88 -15.21 -19.19
N GLN A 186 -16.08 -14.39 -18.14
CA GLN A 186 -16.01 -12.95 -18.37
C GLN A 186 -14.58 -12.51 -18.66
N GLN A 187 -13.61 -13.12 -18.00
CA GLN A 187 -12.22 -12.79 -18.30
C GLN A 187 -11.90 -13.10 -19.74
N ALA A 188 -12.30 -14.30 -20.20
CA ALA A 188 -12.12 -14.69 -21.59
C ALA A 188 -12.77 -13.69 -22.54
N ALA A 189 -14.01 -13.30 -22.26
CA ALA A 189 -14.72 -12.36 -23.12
C ALA A 189 -13.93 -11.07 -23.27
N ILE A 190 -13.45 -10.52 -22.15
CA ILE A 190 -12.75 -9.25 -22.21
C ILE A 190 -11.41 -9.40 -22.92
N PHE A 191 -10.69 -10.50 -22.62
CA PHE A 191 -9.42 -10.75 -23.29
C PHE A 191 -9.60 -10.84 -24.80
N GLU A 192 -10.62 -11.57 -25.24
CA GLU A 192 -10.81 -11.78 -26.67
C GLU A 192 -11.27 -10.49 -27.35
N SER A 193 -11.98 -9.63 -26.62
CA SER A 193 -12.35 -8.33 -27.16
C SER A 193 -11.14 -7.43 -27.38
N GLU A 194 -10.01 -7.75 -26.74
CA GLU A 194 -8.75 -7.06 -26.95
C GLU A 194 -7.84 -7.79 -27.94
N GLY A 195 -8.29 -8.92 -28.48
CA GLY A 195 -7.49 -9.64 -29.46
C GLY A 195 -6.45 -10.55 -28.88
N LEU A 196 -6.55 -10.88 -27.60
CA LEU A 196 -5.59 -11.77 -26.96
C LEU A 196 -5.88 -13.22 -27.30
N SER A 197 -4.82 -14.00 -27.55
CA SER A 197 -5.02 -15.42 -27.84
C SER A 197 -5.27 -16.18 -26.54
N PRO A 198 -6.29 -17.05 -26.50
CA PRO A 198 -6.51 -17.88 -25.29
C PRO A 198 -5.29 -18.69 -24.87
N SER A 199 -4.44 -19.10 -25.82
CA SER A 199 -3.23 -19.85 -25.48
C SER A 199 -2.23 -19.02 -24.70
N ARG A 200 -2.44 -17.71 -24.58
CA ARG A 200 -1.61 -16.85 -23.75
C ARG A 200 -2.18 -16.66 -22.34
N VAL A 201 -3.25 -17.36 -21.99
CA VAL A 201 -4.02 -17.08 -20.78
C VAL A 201 -4.22 -18.35 -19.96
N CYS A 202 -3.88 -18.29 -18.67
CA CYS A 202 -4.24 -19.34 -17.72
C CYS A 202 -5.35 -18.82 -16.80
N ILE A 203 -6.50 -19.49 -16.83
CA ILE A 203 -7.60 -19.19 -15.91
C ILE A 203 -7.33 -19.94 -14.60
N GLY A 204 -6.95 -19.21 -13.55
CA GLY A 204 -6.48 -19.83 -12.34
C GLY A 204 -7.56 -20.03 -11.30
N HIS A 205 -7.15 -20.66 -10.19
CA HIS A 205 -8.03 -21.12 -9.11
C HIS A 205 -9.18 -21.98 -9.63
N SER A 206 -8.94 -22.63 -10.79
CA SER A 206 -10.01 -23.40 -11.42
C SER A 206 -10.30 -24.70 -10.67
N ASP A 207 -9.40 -25.12 -9.76
CA ASP A 207 -9.73 -26.27 -8.92
C ASP A 207 -10.64 -25.90 -7.75
N ASP A 208 -11.00 -24.62 -7.59
CA ASP A 208 -11.97 -24.24 -6.55
C ASP A 208 -13.39 -24.67 -6.89
N THR A 209 -13.65 -25.10 -8.12
CA THR A 209 -14.99 -25.50 -8.51
C THR A 209 -15.01 -26.96 -8.90
N ASP A 210 -16.19 -27.56 -8.78
CA ASP A 210 -16.38 -28.93 -9.25
C ASP A 210 -17.15 -28.97 -10.56
N ASP A 211 -17.47 -27.82 -11.15
CA ASP A 211 -18.22 -27.76 -12.40
C ASP A 211 -17.28 -28.06 -13.57
N LEU A 212 -17.22 -29.33 -13.96
CA LEU A 212 -16.32 -29.72 -15.03
C LEU A 212 -16.70 -29.06 -16.35
N SER A 213 -18.01 -28.89 -16.61
CA SER A 213 -18.43 -28.34 -17.90
C SER A 213 -17.99 -26.90 -18.10
N TYR A 214 -17.87 -26.15 -17.00
CA TYR A 214 -17.31 -24.80 -17.07
C TYR A 214 -15.86 -24.86 -17.54
N LEU A 215 -15.07 -25.73 -16.92
CA LEU A 215 -13.66 -25.83 -17.26
C LEU A 215 -13.43 -26.37 -18.67
N THR A 216 -14.18 -27.39 -19.08
CA THR A 216 -13.93 -27.98 -20.40
C THR A 216 -14.34 -27.03 -21.52
N ALA A 217 -15.42 -26.27 -21.34
CA ALA A 217 -15.78 -25.28 -22.35
C ALA A 217 -14.65 -24.25 -22.52
N LEU A 218 -14.06 -23.79 -21.41
CA LEU A 218 -12.96 -22.84 -21.55
C LEU A 218 -11.77 -23.47 -22.23
N ALA A 219 -11.45 -24.71 -21.85
CA ALA A 219 -10.30 -25.38 -22.46
C ALA A 219 -10.57 -25.67 -23.94
N ALA A 220 -11.82 -25.99 -24.29
CA ALA A 220 -12.16 -26.17 -25.70
C ALA A 220 -12.00 -24.89 -26.50
N ARG A 221 -11.94 -23.73 -25.84
CA ARG A 221 -11.66 -22.46 -26.49
C ARG A 221 -10.18 -22.13 -26.53
N GLY A 222 -9.32 -23.01 -26.00
CA GLY A 222 -7.88 -22.82 -26.07
C GLY A 222 -7.25 -22.29 -24.79
N TYR A 223 -8.04 -21.98 -23.77
CA TYR A 223 -7.47 -21.44 -22.54
C TYR A 223 -6.69 -22.52 -21.77
N LEU A 224 -5.71 -22.08 -21.01
CA LEU A 224 -5.05 -22.96 -20.06
C LEU A 224 -5.80 -22.90 -18.74
N ILE A 225 -5.83 -24.03 -18.04
CA ILE A 225 -6.66 -24.20 -16.86
C ILE A 225 -5.74 -24.36 -15.66
N GLY A 226 -5.78 -23.39 -14.75
CA GLY A 226 -4.91 -23.42 -13.59
C GLY A 226 -5.53 -24.15 -12.43
N LEU A 227 -5.06 -25.37 -12.17
CA LEU A 227 -5.50 -26.15 -11.02
C LEU A 227 -4.41 -25.97 -9.98
N ASP A 228 -4.49 -24.84 -9.27
CA ASP A 228 -3.32 -24.27 -8.63
C ASP A 228 -3.37 -24.23 -7.12
N GLY A 229 -4.44 -24.70 -6.50
CA GLY A 229 -4.51 -24.68 -5.04
C GLY A 229 -4.74 -26.05 -4.45
N ILE A 230 -4.06 -27.08 -4.99
CA ILE A 230 -4.43 -28.46 -4.66
C ILE A 230 -4.41 -28.72 -3.16
N PRO A 231 -3.42 -28.29 -2.37
CA PRO A 231 -3.44 -28.60 -0.94
C PRO A 231 -4.29 -27.67 -0.10
N HIS A 232 -5.06 -26.74 -0.69
CA HIS A 232 -5.91 -25.86 0.09
C HIS A 232 -7.14 -26.61 0.58
N SER A 233 -7.20 -26.86 1.89
CA SER A 233 -8.31 -27.61 2.45
C SER A 233 -8.37 -27.37 3.95
N ALA A 234 -9.57 -27.12 4.45
CA ALA A 234 -9.80 -26.94 5.88
C ALA A 234 -10.40 -28.18 6.52
N ILE A 235 -10.27 -29.34 5.88
CA ILE A 235 -10.68 -30.59 6.51
C ILE A 235 -9.87 -30.79 7.77
N GLY A 236 -10.56 -31.09 8.88
CA GLY A 236 -9.93 -31.14 10.17
C GLY A 236 -9.86 -29.83 10.91
N LEU A 237 -10.17 -28.72 10.24
CA LEU A 237 -10.17 -27.39 10.85
C LEU A 237 -11.58 -26.81 10.91
N GLU A 238 -12.59 -27.65 11.08
CA GLU A 238 -13.97 -27.19 10.99
C GLU A 238 -14.34 -26.19 12.09
N ASP A 239 -13.64 -26.21 13.23
CA ASP A 239 -13.92 -25.24 14.27
C ASP A 239 -13.19 -23.92 14.04
N ASN A 240 -12.57 -23.74 12.89
CA ASN A 240 -11.81 -22.53 12.57
C ASN A 240 -12.52 -21.82 11.42
N ALA A 241 -13.29 -20.78 11.74
CA ALA A 241 -14.13 -20.12 10.74
C ALA A 241 -13.29 -19.47 9.66
N SER A 242 -12.20 -18.78 10.04
CA SER A 242 -11.43 -18.01 9.07
C SER A 242 -10.64 -18.95 8.14
N ALA A 243 -10.00 -19.97 8.69
CA ALA A 243 -9.34 -20.96 7.85
C ALA A 243 -10.33 -21.65 6.92
N SER A 244 -11.51 -22.02 7.44
CA SER A 244 -12.49 -22.70 6.61
C SER A 244 -12.96 -21.81 5.47
N ALA A 245 -13.21 -20.53 5.75
CA ALA A 245 -13.63 -19.61 4.69
C ALA A 245 -12.57 -19.46 3.61
N LEU A 246 -11.30 -19.46 4.00
CA LEU A 246 -10.24 -19.20 3.03
C LEU A 246 -9.88 -20.45 2.23
N LEU A 247 -9.80 -21.61 2.90
CA LEU A 247 -9.29 -22.82 2.28
C LEU A 247 -10.37 -23.71 1.69
N GLY A 248 -11.63 -23.53 2.09
CA GLY A 248 -12.70 -24.40 1.65
C GLY A 248 -12.70 -25.75 2.34
N ASN A 249 -13.79 -26.49 2.15
CA ASN A 249 -13.98 -27.79 2.79
C ASN A 249 -13.91 -28.95 1.81
N ARG A 250 -13.52 -28.70 0.56
CA ARG A 250 -13.19 -29.77 -0.36
C ARG A 250 -11.77 -30.26 -0.12
N SER A 251 -11.60 -31.58 -0.23
CA SER A 251 -10.33 -32.23 0.04
C SER A 251 -9.31 -31.96 -1.06
N TRP A 252 -8.03 -32.16 -0.72
CA TRP A 252 -7.02 -32.07 -1.77
C TRP A 252 -7.22 -33.16 -2.81
N GLN A 253 -7.70 -34.33 -2.39
CA GLN A 253 -7.96 -35.42 -3.33
C GLN A 253 -9.03 -35.02 -4.34
N THR A 254 -10.09 -34.36 -3.87
CA THR A 254 -11.12 -33.85 -4.77
C THR A 254 -10.52 -32.87 -5.78
N ARG A 255 -9.68 -31.95 -5.31
CA ARG A 255 -9.02 -31.02 -6.21
C ARG A 255 -8.11 -31.77 -7.19
N ALA A 256 -7.34 -32.74 -6.69
CA ALA A 256 -6.42 -33.46 -7.56
C ALA A 256 -7.16 -34.30 -8.59
N LEU A 257 -8.35 -34.82 -8.25
CA LEU A 257 -9.09 -35.62 -9.22
C LEU A 257 -9.54 -34.78 -10.42
N LEU A 258 -9.66 -33.46 -10.26
CA LEU A 258 -9.94 -32.59 -11.41
C LEU A 258 -8.79 -32.59 -12.40
N ILE A 259 -7.54 -32.77 -11.93
CA ILE A 259 -6.44 -32.96 -12.86
C ILE A 259 -6.66 -34.19 -13.72
N LYS A 260 -6.97 -35.32 -13.09
CA LYS A 260 -7.22 -36.55 -13.83
C LYS A 260 -8.42 -36.40 -14.76
N ALA A 261 -9.47 -35.71 -14.31
CA ALA A 261 -10.65 -35.54 -15.16
C ALA A 261 -10.32 -34.77 -16.43
N LEU A 262 -9.58 -33.66 -16.30
CA LEU A 262 -9.21 -32.91 -17.49
C LEU A 262 -8.24 -33.71 -18.37
N ILE A 263 -7.35 -34.51 -17.77
CA ILE A 263 -6.56 -35.43 -18.60
C ILE A 263 -7.47 -36.39 -19.35
N ASP A 264 -8.44 -36.98 -18.64
CA ASP A 264 -9.32 -37.97 -19.26
C ASP A 264 -10.19 -37.37 -20.35
N GLN A 265 -10.47 -36.07 -20.27
CA GLN A 265 -11.28 -35.40 -21.28
C GLN A 265 -10.47 -34.85 -22.45
N GLY A 266 -9.15 -35.05 -22.44
CA GLY A 266 -8.33 -34.71 -23.57
C GLY A 266 -7.53 -33.43 -23.47
N TYR A 267 -7.44 -32.82 -22.29
CA TYR A 267 -6.89 -31.48 -22.15
C TYR A 267 -5.53 -31.46 -21.44
N MET A 268 -4.79 -32.57 -21.49
CA MET A 268 -3.52 -32.63 -20.76
C MET A 268 -2.54 -31.54 -21.20
N LYS A 269 -2.59 -31.11 -22.46
CA LYS A 269 -1.67 -30.08 -22.92
C LYS A 269 -2.06 -28.68 -22.45
N GLN A 270 -3.18 -28.53 -21.75
CA GLN A 270 -3.62 -27.22 -21.29
C GLN A 270 -3.77 -27.13 -19.77
N ILE A 271 -3.30 -28.12 -19.02
CA ILE A 271 -3.41 -28.13 -17.57
C ILE A 271 -2.13 -27.55 -16.99
N LEU A 272 -2.27 -26.64 -16.04
CA LEU A 272 -1.15 -26.14 -15.23
C LEU A 272 -1.47 -26.39 -13.76
N VAL A 273 -0.54 -26.99 -13.03
CA VAL A 273 -0.78 -27.44 -11.66
C VAL A 273 0.14 -26.66 -10.72
N SER A 274 -0.36 -26.33 -9.53
CA SER A 274 0.48 -25.65 -8.55
C SER A 274 -0.13 -25.82 -7.17
N ASN A 275 0.52 -25.21 -6.15
CA ASN A 275 0.09 -25.30 -4.76
C ASN A 275 -0.61 -24.04 -4.26
N ASP A 276 -0.29 -22.89 -4.87
CA ASP A 276 -0.65 -21.57 -4.35
C ASP A 276 -0.26 -21.50 -2.88
N TRP A 277 0.99 -21.91 -2.60
CA TRP A 277 1.50 -21.85 -1.24
C TRP A 277 2.24 -20.55 -1.02
N LEU A 278 2.56 -20.28 0.25
CA LEU A 278 3.30 -19.10 0.67
C LEU A 278 4.18 -19.47 1.84
N PHE A 279 5.20 -18.66 2.08
CA PHE A 279 6.05 -18.78 3.27
C PHE A 279 5.80 -17.67 4.28
N GLY A 280 5.18 -16.58 3.86
CA GLY A 280 4.61 -15.62 4.78
C GLY A 280 3.29 -15.14 4.22
N PHE A 281 2.44 -14.65 5.11
CA PHE A 281 1.05 -14.37 4.73
C PHE A 281 0.52 -13.33 5.70
N SER A 282 0.50 -12.06 5.27
CA SER A 282 0.05 -10.96 6.12
C SER A 282 -1.29 -10.35 5.70
N SER A 283 -1.81 -10.68 4.53
CA SER A 283 -3.04 -10.07 4.03
C SER A 283 -4.31 -10.78 4.51
N TYR A 284 -4.22 -11.65 5.52
CA TYR A 284 -5.40 -12.28 6.08
C TYR A 284 -5.27 -12.25 7.59
N VAL A 285 -5.97 -13.16 8.29
CA VAL A 285 -5.92 -13.20 9.75
C VAL A 285 -4.52 -13.60 10.21
N THR A 286 -4.18 -13.21 11.44
CA THR A 286 -2.80 -13.27 11.89
C THR A 286 -2.25 -14.70 11.90
N ASN A 287 -3.05 -15.67 12.31
CA ASN A 287 -2.48 -17.01 12.50
C ASN A 287 -2.47 -17.86 11.23
N ILE A 288 -2.87 -17.32 10.08
CA ILE A 288 -3.22 -18.19 8.96
C ILE A 288 -2.00 -18.97 8.42
N MET A 289 -0.80 -18.39 8.44
CA MET A 289 0.33 -19.11 7.88
C MET A 289 0.67 -20.33 8.74
N ASP A 290 0.63 -20.17 10.07
CA ASP A 290 0.83 -21.31 10.96
C ASP A 290 -0.24 -22.37 10.75
N VAL A 291 -1.49 -21.95 10.56
CA VAL A 291 -2.57 -22.92 10.36
C VAL A 291 -2.35 -23.69 9.06
N MET A 292 -2.04 -22.97 7.98
CA MET A 292 -1.79 -23.63 6.70
C MET A 292 -0.61 -24.59 6.79
N ASP A 293 0.48 -24.14 7.42
CA ASP A 293 1.64 -25.03 7.58
C ASP A 293 1.28 -26.27 8.40
N SER A 294 0.32 -26.15 9.31
CA SER A 294 -0.03 -27.29 10.15
C SER A 294 -0.75 -28.37 9.35
N VAL A 295 -1.42 -28.01 8.27
CA VAL A 295 -2.06 -29.04 7.46
C VAL A 295 -1.27 -29.46 6.23
N ASN A 296 -0.33 -28.64 5.76
CA ASN A 296 0.54 -29.03 4.64
C ASN A 296 1.98 -28.66 4.94
N PRO A 297 2.65 -29.45 5.79
CA PRO A 297 4.08 -29.20 6.04
C PRO A 297 4.95 -29.29 4.80
N ASP A 298 4.53 -30.04 3.77
CA ASP A 298 5.34 -30.14 2.56
C ASP A 298 5.37 -28.84 1.77
N GLY A 299 4.44 -27.92 2.04
CA GLY A 299 4.50 -26.62 1.39
C GLY A 299 4.42 -26.75 -0.12
N MET A 300 5.39 -26.13 -0.80
CA MET A 300 5.41 -26.19 -2.26
C MET A 300 5.85 -27.55 -2.76
N ALA A 301 6.38 -28.40 -1.91
CA ALA A 301 6.72 -29.74 -2.38
C ALA A 301 5.49 -30.64 -2.45
N PHE A 302 4.30 -30.11 -2.15
CA PHE A 302 3.10 -30.94 -2.10
C PHE A 302 2.76 -31.52 -3.48
N ILE A 303 2.90 -30.73 -4.53
CA ILE A 303 2.60 -31.23 -5.87
C ILE A 303 3.51 -32.41 -6.21
N PRO A 304 4.84 -32.31 -6.14
CA PRO A 304 5.66 -33.48 -6.51
C PRO A 304 5.59 -34.62 -5.52
N LEU A 305 5.48 -34.32 -4.22
CA LEU A 305 5.56 -35.38 -3.23
C LEU A 305 4.24 -36.12 -3.05
N ARG A 306 3.11 -35.44 -3.26
CA ARG A 306 1.82 -36.06 -2.98
C ARG A 306 0.90 -36.18 -4.19
N VAL A 307 0.81 -35.13 -5.02
CA VAL A 307 -0.11 -35.17 -6.15
C VAL A 307 0.40 -36.10 -7.25
N ILE A 308 1.70 -36.05 -7.52
CA ILE A 308 2.25 -36.91 -8.54
C ILE A 308 1.98 -38.40 -8.23
N PRO A 309 2.37 -38.88 -7.03
CA PRO A 309 2.08 -40.29 -6.73
C PRO A 309 0.60 -40.62 -6.77
N PHE A 310 -0.25 -39.68 -6.35
CA PHE A 310 -1.69 -39.90 -6.38
C PHE A 310 -2.18 -40.14 -7.80
N LEU A 311 -1.71 -39.32 -8.74
CA LEU A 311 -2.12 -39.49 -10.13
C LEU A 311 -1.48 -40.73 -10.75
N ARG A 312 -0.22 -41.03 -10.41
CA ARG A 312 0.40 -42.25 -10.94
C ARG A 312 -0.36 -43.50 -10.52
N GLU A 313 -0.83 -43.55 -9.27
CA GLU A 313 -1.63 -44.68 -8.82
C GLU A 313 -2.95 -44.77 -9.59
N LYS A 314 -3.51 -43.61 -9.99
CA LYS A 314 -4.71 -43.58 -10.80
C LYS A 314 -4.49 -44.00 -12.25
N GLY A 315 -3.26 -44.28 -12.64
CA GLY A 315 -2.94 -44.72 -13.98
C GLY A 315 -2.42 -43.67 -14.93
N VAL A 316 -2.14 -42.46 -14.46
CA VAL A 316 -1.62 -41.42 -15.35
C VAL A 316 -0.15 -41.74 -15.62
N PRO A 317 0.25 -41.92 -16.88
CA PRO A 317 1.63 -42.29 -17.17
C PRO A 317 2.59 -41.13 -16.91
N GLN A 318 3.84 -41.49 -16.66
CA GLN A 318 4.84 -40.48 -16.33
C GLN A 318 5.01 -39.45 -17.44
N GLU A 319 4.89 -39.86 -18.70
CA GLU A 319 5.04 -38.92 -19.81
C GLU A 319 3.96 -37.85 -19.76
N THR A 320 2.75 -38.21 -19.33
CA THR A 320 1.69 -37.23 -19.19
C THR A 320 2.00 -36.26 -18.05
N LEU A 321 2.49 -36.78 -16.93
CA LEU A 321 2.79 -35.88 -15.81
C LEU A 321 3.97 -34.98 -16.11
N ALA A 322 4.96 -35.46 -16.87
CA ALA A 322 6.05 -34.61 -17.32
C ALA A 322 5.54 -33.56 -18.29
N GLY A 323 4.60 -33.92 -19.17
CA GLY A 323 4.00 -32.94 -20.05
C GLY A 323 3.35 -31.81 -19.29
N ILE A 324 2.60 -32.14 -18.24
CA ILE A 324 1.89 -31.13 -17.47
C ILE A 324 2.86 -30.26 -16.67
N THR A 325 3.90 -30.86 -16.08
CA THR A 325 4.75 -30.11 -15.15
C THR A 325 5.99 -29.50 -15.79
N VAL A 326 6.35 -29.92 -17.00
CA VAL A 326 7.55 -29.40 -17.66
C VAL A 326 7.16 -28.76 -18.99
N THR A 327 6.53 -29.53 -19.87
CA THR A 327 6.27 -29.03 -21.22
C THR A 327 5.27 -27.88 -21.23
N ASN A 328 4.15 -28.03 -20.53
CA ASN A 328 3.13 -26.98 -20.54
C ASN A 328 3.65 -25.67 -19.97
N PRO A 329 4.31 -25.64 -18.80
CA PRO A 329 4.77 -24.35 -18.29
C PRO A 329 5.78 -23.68 -19.19
N ALA A 330 6.65 -24.47 -19.84
CA ALA A 330 7.63 -23.87 -20.74
C ALA A 330 6.97 -23.27 -21.97
N ARG A 331 5.98 -23.96 -22.53
CA ARG A 331 5.22 -23.42 -23.65
C ARG A 331 4.47 -22.17 -23.25
N PHE A 332 3.89 -22.17 -22.04
CA PHE A 332 3.12 -21.03 -21.55
C PHE A 332 4.03 -19.83 -21.29
N LEU A 333 5.17 -20.05 -20.63
CA LEU A 333 6.00 -18.93 -20.22
C LEU A 333 6.85 -18.36 -21.35
N SER A 334 7.17 -19.16 -22.36
N SER A 334 7.16 -19.15 -22.36
CA SER A 334 7.95 -18.67 -23.49
CA SER A 334 7.95 -18.66 -23.48
C SER A 334 7.23 -17.50 -24.16
C SER A 334 7.23 -17.50 -24.16
N PRO A 335 7.85 -16.33 -24.30
CA PRO A 335 7.14 -15.17 -24.83
C PRO A 335 6.73 -15.28 -26.29
N THR A 336 5.59 -14.67 -26.60
CA THR A 336 4.87 -14.64 -27.89
C THR A 336 4.71 -16.03 -28.47
N ILE B 1 13.79 33.35 29.17
CA ILE B 1 15.18 33.05 28.84
C ILE B 1 15.31 31.83 27.94
N SER B 2 14.71 30.72 28.37
CA SER B 2 14.94 29.43 27.72
C SER B 2 14.41 29.39 26.28
N GLU B 3 13.57 30.34 25.87
CA GLU B 3 13.15 30.40 24.48
C GLU B 3 14.31 30.75 23.55
N PHE B 4 15.36 31.38 24.07
CA PHE B 4 16.53 31.74 23.27
C PHE B 4 17.64 30.69 23.29
N ILE B 5 17.38 29.48 23.80
CA ILE B 5 18.45 28.54 24.11
C ILE B 5 18.41 27.41 23.07
N THR B 6 19.46 27.34 22.26
CA THR B 6 19.55 26.43 21.14
C THR B 6 20.44 25.23 21.40
N ASN B 7 21.47 25.38 22.23
CA ASN B 7 22.56 24.42 22.30
C ASN B 7 22.33 23.31 23.33
N SER B 8 21.12 23.21 23.88
CA SER B 8 20.75 22.22 24.90
C SER B 8 19.23 22.18 25.01
N GLY B 9 18.71 21.12 25.67
CA GLY B 9 17.30 21.03 26.03
C GLY B 9 16.60 19.81 25.45
N ASP B 10 15.28 19.76 25.67
CA ASP B 10 14.40 18.68 25.22
C ASP B 10 14.33 18.63 23.68
N ARG B 11 13.80 17.51 23.16
CA ARG B 11 14.06 17.17 21.76
C ARG B 11 12.86 16.61 21.02
N ILE B 12 12.81 16.94 19.73
CA ILE B 12 11.81 16.45 18.77
C ILE B 12 12.56 15.62 17.73
N ASN B 13 11.99 14.47 17.35
CA ASN B 13 12.60 13.64 16.33
C ASN B 13 12.23 14.15 14.95
N THR B 14 13.22 14.32 14.08
CA THR B 14 13.04 14.68 12.68
C THR B 14 13.69 13.61 11.80
N VAL B 15 13.54 13.77 10.47
CA VAL B 15 14.13 12.81 9.57
C VAL B 15 15.65 12.92 9.50
N ARG B 16 16.23 13.95 10.12
CA ARG B 16 17.69 14.08 10.25
C ARG B 16 18.17 13.78 11.68
N GLY B 17 17.29 13.36 12.57
CA GLY B 17 17.65 13.14 13.95
C GLY B 17 16.99 14.14 14.87
N PRO B 18 17.34 14.08 16.16
CA PRO B 18 16.68 14.95 17.14
C PRO B 18 17.12 16.41 16.99
N ILE B 19 16.17 17.31 17.18
CA ILE B 19 16.47 18.74 17.24
C ILE B 19 15.88 19.27 18.53
N THR B 20 16.47 20.35 19.04
CA THR B 20 15.90 20.96 20.22
C THR B 20 14.65 21.74 19.85
N ILE B 21 13.76 21.92 20.85
CA ILE B 21 12.47 22.55 20.61
C ILE B 21 12.65 23.95 20.01
N SER B 22 13.66 24.68 20.47
CA SER B 22 13.89 26.03 19.96
C SER B 22 14.30 26.02 18.49
N GLU B 23 14.97 24.96 18.03
CA GLU B 23 15.40 24.90 16.62
C GLU B 23 14.23 24.69 15.66
N ALA B 24 13.07 24.25 16.17
CA ALA B 24 11.95 23.98 15.28
C ALA B 24 11.45 25.25 14.60
N GLY B 25 11.40 26.36 15.33
CA GLY B 25 11.00 27.63 14.76
C GLY B 25 9.61 27.59 14.12
N PHE B 26 9.45 28.44 13.11
CA PHE B 26 8.20 28.49 12.35
C PHE B 26 7.90 27.12 11.77
N THR B 27 6.78 26.52 12.18
CA THR B 27 6.44 25.14 11.84
C THR B 27 5.06 25.05 11.18
N LEU B 28 5.02 24.43 9.99
CA LEU B 28 3.77 24.05 9.35
C LEU B 28 3.42 22.64 9.81
N THR B 29 2.25 22.47 10.43
CA THR B 29 1.95 21.26 11.16
C THR B 29 1.22 20.19 10.37
N HIS B 30 0.83 20.46 9.12
CA HIS B 30 0.15 19.45 8.31
C HIS B 30 0.52 19.68 6.85
N GLU B 31 1.53 18.94 6.37
CA GLU B 31 1.99 19.04 5.00
C GLU B 31 2.35 17.66 4.48
N HIS B 32 2.69 17.59 3.19
CA HIS B 32 3.12 16.35 2.55
C HIS B 32 4.23 16.69 1.57
N ILE B 33 5.32 15.92 1.59
CA ILE B 33 6.23 16.00 0.45
C ILE B 33 5.57 15.36 -0.77
N CYS B 34 4.99 14.17 -0.58
CA CYS B 34 4.38 13.46 -1.70
C CYS B 34 3.21 12.63 -1.17
N GLY B 35 2.01 12.88 -1.71
CA GLY B 35 0.84 12.13 -1.32
C GLY B 35 0.64 10.97 -2.26
N SER B 36 0.99 9.77 -1.82
CA SER B 36 0.99 8.63 -2.73
C SER B 36 0.35 7.42 -2.08
N SER B 37 0.86 6.24 -2.39
CA SER B 37 0.43 5.00 -1.76
C SER B 37 1.69 4.20 -1.45
N ALA B 38 1.56 3.29 -0.49
CA ALA B 38 2.73 2.52 -0.08
C ALA B 38 3.36 1.83 -1.27
N GLY B 39 4.69 1.95 -1.38
CA GLY B 39 5.46 1.31 -2.43
C GLY B 39 5.33 1.93 -3.81
N PHE B 40 4.45 2.92 -3.98
CA PHE B 40 4.12 3.41 -5.31
C PHE B 40 5.27 4.23 -5.90
N LEU B 41 5.85 5.14 -5.11
CA LEU B 41 6.94 5.96 -5.61
C LEU B 41 8.11 5.10 -6.06
N ARG B 42 8.38 4.01 -5.35
CA ARG B 42 9.49 3.14 -5.76
C ARG B 42 9.12 2.28 -6.96
N ALA B 43 7.85 1.86 -7.08
CA ALA B 43 7.47 1.00 -8.21
C ALA B 43 7.26 1.78 -9.50
N TRP B 44 6.85 3.05 -9.42
CA TRP B 44 6.45 3.80 -10.63
C TRP B 44 6.86 5.26 -10.50
N PRO B 45 8.16 5.53 -10.36
CA PRO B 45 8.60 6.93 -10.22
C PRO B 45 8.29 7.78 -11.45
N GLU B 46 8.17 7.15 -12.63
CA GLU B 46 7.87 7.90 -13.85
C GLU B 46 6.50 8.57 -13.78
N PHE B 47 5.62 8.11 -12.88
CA PHE B 47 4.36 8.81 -12.68
C PHE B 47 4.60 10.26 -12.29
N PHE B 48 5.68 10.53 -11.57
CA PHE B 48 6.06 11.87 -11.11
C PHE B 48 7.11 12.51 -12.03
N GLY B 49 7.19 12.06 -13.28
CA GLY B 49 8.29 12.42 -14.16
C GLY B 49 9.47 11.52 -13.89
N SER B 50 10.09 11.70 -12.72
CA SER B 50 11.14 10.83 -12.23
C SER B 50 11.27 11.11 -10.75
N ARG B 51 12.00 10.22 -10.05
CA ARG B 51 12.31 10.51 -8.66
C ARG B 51 13.15 11.78 -8.53
N ALA B 52 14.12 11.96 -9.44
CA ALA B 52 14.97 13.15 -9.38
C ALA B 52 14.15 14.41 -9.60
N ALA B 53 13.18 14.36 -10.53
CA ALA B 53 12.30 15.51 -10.76
C ALA B 53 11.50 15.84 -9.50
N LEU B 54 10.98 14.82 -8.82
CA LEU B 54 10.21 15.07 -7.59
C LEU B 54 11.10 15.67 -6.50
N VAL B 55 12.30 15.13 -6.32
CA VAL B 55 13.21 15.65 -5.32
C VAL B 55 13.49 17.12 -5.59
N GLU B 56 13.84 17.43 -6.84
CA GLU B 56 14.21 18.79 -7.20
C GLU B 56 13.03 19.73 -7.04
N LYS B 57 11.83 19.28 -7.40
CA LYS B 57 10.62 20.07 -7.18
C LYS B 57 10.38 20.32 -5.69
N ALA B 58 10.53 19.28 -4.88
CA ALA B 58 10.29 19.42 -3.44
C ALA B 58 11.35 20.31 -2.78
N VAL B 59 12.61 20.19 -3.21
CA VAL B 59 13.67 21.00 -2.61
C VAL B 59 13.47 22.47 -2.95
N ARG B 60 13.08 22.77 -4.19
CA ARG B 60 12.80 24.16 -4.53
C ARG B 60 11.59 24.68 -3.76
N GLY B 61 10.56 23.85 -3.59
CA GLY B 61 9.40 24.31 -2.85
C GLY B 61 9.71 24.57 -1.39
N LEU B 62 10.55 23.71 -0.79
CA LEU B 62 10.92 23.90 0.61
C LEU B 62 11.83 25.10 0.77
N ARG B 63 12.69 25.37 -0.21
CA ARG B 63 13.52 26.56 -0.16
C ARG B 63 12.66 27.81 -0.26
N ARG B 64 11.59 27.77 -1.06
CA ARG B 64 10.69 28.91 -1.13
C ARG B 64 10.01 29.16 0.22
N ALA B 65 9.54 28.08 0.86
CA ALA B 65 8.95 28.21 2.20
C ALA B 65 9.98 28.73 3.20
N ARG B 66 11.23 28.24 3.12
CA ARG B 66 12.25 28.66 4.07
C ARG B 66 12.59 30.13 3.92
N ALA B 67 12.65 30.61 2.68
CA ALA B 67 12.91 32.03 2.47
C ALA B 67 11.78 32.88 3.03
N ALA B 68 10.55 32.34 3.04
CA ALA B 68 9.41 33.04 3.64
C ALA B 68 9.36 32.89 5.16
N GLY B 69 10.27 32.15 5.77
CA GLY B 69 10.37 32.05 7.21
C GLY B 69 10.14 30.68 7.79
N VAL B 70 9.65 29.71 7.01
CA VAL B 70 9.38 28.38 7.54
C VAL B 70 10.68 27.68 7.88
N ARG B 71 10.72 27.02 9.03
CA ARG B 71 11.89 26.26 9.41
C ARG B 71 11.64 24.77 9.58
N THR B 72 10.40 24.36 9.86
CA THR B 72 10.03 22.96 10.06
C THR B 72 8.69 22.69 9.40
N ILE B 73 8.54 21.52 8.79
CA ILE B 73 7.22 21.05 8.42
C ILE B 73 6.99 19.69 9.08
N VAL B 74 5.72 19.41 9.35
CA VAL B 74 5.30 18.09 9.81
C VAL B 74 4.68 17.40 8.61
N ASP B 75 5.34 16.34 8.12
CA ASP B 75 4.82 15.55 7.01
C ASP B 75 3.90 14.50 7.61
N VAL B 76 2.60 14.68 7.44
CA VAL B 76 1.63 13.80 8.08
C VAL B 76 1.22 12.70 7.11
N SER B 77 2.10 12.35 6.17
CA SER B 77 1.91 11.18 5.33
C SER B 77 2.20 9.90 6.12
N THR B 78 1.24 8.99 6.18
CA THR B 78 1.41 7.69 6.80
C THR B 78 1.94 6.66 5.80
N PHE B 79 2.22 5.46 6.31
CA PHE B 79 2.48 4.28 5.49
C PHE B 79 1.57 4.21 4.27
N ASP B 80 0.25 4.21 4.49
CA ASP B 80 -0.66 4.00 3.37
C ASP B 80 -0.87 5.24 2.51
N ALA B 81 -0.37 6.39 2.93
CA ALA B 81 -0.26 7.55 2.06
C ALA B 81 1.06 7.57 1.33
N GLY B 82 1.81 6.46 1.35
CA GLY B 82 3.00 6.36 0.55
C GLY B 82 4.18 7.14 1.05
N ARG B 83 4.19 7.50 2.33
CA ARG B 83 5.36 8.10 2.98
C ARG B 83 6.62 7.33 2.62
N ASP B 84 7.60 8.04 2.06
CA ASP B 84 8.94 7.51 1.79
C ASP B 84 9.89 8.34 2.63
N VAL B 85 10.26 7.87 3.82
CA VAL B 85 11.06 8.72 4.70
C VAL B 85 12.46 8.97 4.14
N SER B 86 12.95 8.09 3.26
CA SER B 86 14.23 8.37 2.61
C SER B 86 14.11 9.57 1.66
N LEU B 87 12.94 9.77 1.06
CA LEU B 87 12.71 10.97 0.26
C LEU B 87 12.68 12.20 1.15
N LEU B 88 11.96 12.11 2.27
CA LEU B 88 11.90 13.22 3.22
C LEU B 88 13.30 13.60 3.72
N ALA B 89 14.12 12.60 4.04
CA ALA B 89 15.46 12.90 4.54
C ALA B 89 16.30 13.61 3.50
N GLU B 90 16.22 13.17 2.24
CA GLU B 90 17.00 13.79 1.18
C GLU B 90 16.57 15.24 0.96
N VAL B 91 15.27 15.48 0.87
CA VAL B 91 14.83 16.85 0.61
C VAL B 91 15.03 17.74 1.83
N SER B 92 14.91 17.19 3.04
CA SER B 92 15.16 17.99 4.25
C SER B 92 16.61 18.45 4.30
N ARG B 93 17.55 17.55 3.95
CA ARG B 93 18.95 17.93 3.96
C ARG B 93 19.24 18.98 2.91
N ALA B 94 18.76 18.78 1.68
CA ALA B 94 19.07 19.71 0.60
C ALA B 94 18.46 21.09 0.86
N ALA B 95 17.27 21.16 1.43
CA ALA B 95 16.60 22.44 1.62
C ALA B 95 16.87 23.07 2.98
N ASP B 96 17.48 22.34 3.90
CA ASP B 96 17.67 22.76 5.30
C ASP B 96 16.35 23.21 5.94
N VAL B 97 15.34 22.36 5.78
CA VAL B 97 14.06 22.52 6.45
C VAL B 97 13.84 21.25 7.25
N HIS B 98 13.60 21.40 8.56
CA HIS B 98 13.30 20.23 9.38
C HIS B 98 12.00 19.61 8.93
N ILE B 99 11.96 18.27 8.91
CA ILE B 99 10.75 17.52 8.59
C ILE B 99 10.51 16.51 9.70
N VAL B 100 9.34 16.57 10.32
CA VAL B 100 8.90 15.54 11.26
C VAL B 100 8.07 14.53 10.49
N ALA B 101 8.42 13.25 10.61
CA ALA B 101 7.67 12.18 9.95
C ALA B 101 6.58 11.65 10.86
N ALA B 102 5.62 10.95 10.25
CA ALA B 102 4.43 10.47 10.92
C ALA B 102 4.33 8.95 10.84
N THR B 103 3.75 8.35 11.89
CA THR B 103 3.15 7.03 11.81
C THR B 103 1.62 7.17 11.81
N GLY B 104 0.93 6.06 12.04
CA GLY B 104 -0.52 6.04 11.98
C GLY B 104 -1.03 5.41 10.70
N LEU B 105 -2.31 5.60 10.43
CA LEU B 105 -2.91 5.14 9.20
C LEU B 105 -3.90 6.18 8.70
N TRP B 106 -3.92 6.37 7.38
CA TRP B 106 -4.75 7.34 6.69
C TRP B 106 -5.95 6.61 6.09
N GLU B 107 -6.48 7.04 4.94
CA GLU B 107 -7.76 6.51 4.47
C GLU B 107 -7.63 5.34 3.49
N ASP B 108 -6.44 4.81 3.26
CA ASP B 108 -6.26 3.73 2.27
C ASP B 108 -5.42 2.56 2.80
N PRO B 109 -5.73 2.02 3.98
CA PRO B 109 -4.92 0.90 4.49
C PRO B 109 -5.11 -0.33 3.63
N PRO B 110 -4.03 -1.05 3.34
CA PRO B 110 -4.14 -2.33 2.61
C PRO B 110 -4.68 -3.42 3.51
N LEU B 111 -4.94 -4.58 2.89
CA LEU B 111 -5.43 -5.74 3.65
C LEU B 111 -4.52 -6.07 4.82
N SER B 112 -3.20 -5.98 4.64
CA SER B 112 -2.29 -6.38 5.70
C SER B 112 -2.40 -5.46 6.93
N MET B 113 -2.98 -4.28 6.77
CA MET B 113 -3.31 -3.40 7.89
C MET B 113 -4.76 -3.54 8.34
N ARG B 114 -5.70 -3.62 7.39
CA ARG B 114 -7.13 -3.65 7.71
C ARG B 114 -7.50 -4.86 8.56
N LEU B 115 -6.73 -5.94 8.48
CA LEU B 115 -7.01 -7.18 9.18
C LEU B 115 -6.42 -7.21 10.59
N ARG B 116 -5.70 -6.17 11.00
CA ARG B 116 -4.96 -6.23 12.24
C ARG B 116 -5.82 -5.80 13.42
N SER B 117 -5.44 -6.27 14.61
CA SER B 117 -6.14 -5.98 15.84
C SER B 117 -5.64 -4.65 16.42
N VAL B 118 -6.39 -4.12 17.39
CA VAL B 118 -5.93 -2.89 18.04
C VAL B 118 -4.56 -3.11 18.68
N GLU B 119 -4.33 -4.31 19.24
CA GLU B 119 -3.03 -4.59 19.85
C GLU B 119 -1.92 -4.60 18.80
N GLU B 120 -2.17 -5.21 17.63
CA GLU B 120 -1.19 -5.23 16.56
C GLU B 120 -0.90 -3.83 16.03
N LEU B 121 -1.95 -3.04 15.77
CA LEU B 121 -1.73 -1.68 15.29
C LEU B 121 -0.93 -0.87 16.29
N THR B 122 -1.19 -1.08 17.59
CA THR B 122 -0.41 -0.37 18.60
C THR B 122 1.07 -0.72 18.48
N GLN B 123 1.39 -2.00 18.29
CA GLN B 123 2.80 -2.38 18.13
C GLN B 123 3.41 -1.78 16.86
N PHE B 124 2.63 -1.67 15.78
CA PHE B 124 3.18 -1.08 14.57
C PHE B 124 3.48 0.41 14.78
N PHE B 125 2.54 1.15 15.37
CA PHE B 125 2.79 2.57 15.62
C PHE B 125 3.97 2.76 16.57
N LEU B 126 4.06 1.93 17.62
CA LEU B 126 5.20 2.02 18.53
C LEU B 126 6.50 1.74 17.81
N ARG B 127 6.49 0.76 16.89
CA ARG B 127 7.70 0.44 16.14
C ARG B 127 8.22 1.65 15.38
N GLU B 128 7.33 2.38 14.69
CA GLU B 128 7.78 3.51 13.90
C GLU B 128 8.22 4.70 14.76
N ILE B 129 7.73 4.78 16.01
CA ILE B 129 8.12 5.85 16.94
C ILE B 129 9.39 5.49 17.71
N GLN B 130 9.46 4.26 18.22
CA GLN B 130 10.50 3.87 19.18
C GLN B 130 11.71 3.23 18.52
N TYR B 131 11.51 2.50 17.44
CA TYR B 131 12.59 1.81 16.73
C TYR B 131 13.02 2.57 15.47
N GLY B 132 12.05 2.90 14.63
CA GLY B 132 12.37 3.60 13.40
C GLY B 132 11.46 3.17 12.28
N ILE B 133 11.45 3.94 11.21
CA ILE B 133 10.62 3.65 10.04
C ILE B 133 11.42 2.81 9.07
N GLU B 134 10.89 1.65 8.69
CA GLU B 134 11.55 0.70 7.79
C GLU B 134 12.93 0.40 8.37
N ASP B 135 14.01 0.45 7.59
CA ASP B 135 15.36 0.21 8.08
C ASP B 135 16.19 1.49 8.13
N THR B 136 15.54 2.64 8.23
CA THR B 136 16.22 3.92 8.12
C THR B 136 16.70 4.47 9.46
N GLY B 137 16.15 4.00 10.56
CA GLY B 137 16.44 4.59 11.85
C GLY B 137 15.73 5.89 12.12
N ILE B 138 14.95 6.39 11.18
CA ILE B 138 14.21 7.64 11.36
C ILE B 138 12.96 7.35 12.17
N ARG B 139 12.79 8.06 13.28
CA ARG B 139 11.67 7.83 14.18
C ARG B 139 10.57 8.86 13.95
N ALA B 140 9.32 8.38 13.92
CA ALA B 140 8.17 9.25 13.76
C ALA B 140 7.99 10.13 14.99
N GLY B 141 7.62 11.40 14.75
CA GLY B 141 7.33 12.31 15.83
C GLY B 141 5.88 12.70 15.98
N ILE B 142 4.96 12.06 15.24
CA ILE B 142 3.53 12.33 15.36
C ILE B 142 2.79 11.09 14.86
N ILE B 143 1.55 10.92 15.32
CA ILE B 143 0.68 9.83 14.87
C ILE B 143 -0.52 10.44 14.15
N LYS B 144 -0.75 9.99 12.92
CA LYS B 144 -1.82 10.48 12.06
C LYS B 144 -2.94 9.44 11.96
N VAL B 145 -4.20 9.89 12.10
CA VAL B 145 -5.38 9.02 11.99
C VAL B 145 -6.44 9.72 11.17
N ALA B 146 -7.47 8.97 10.76
CA ALA B 146 -8.45 9.53 9.84
C ALA B 146 -9.83 8.94 10.03
N THR B 147 -10.86 9.78 9.91
CA THR B 147 -12.22 9.36 9.65
C THR B 147 -12.76 10.18 8.48
N GLN B 148 -13.80 9.67 7.82
CA GLN B 148 -14.50 10.41 6.76
C GLN B 148 -16.00 10.25 6.99
N GLY B 149 -16.50 10.88 8.03
CA GLY B 149 -17.82 10.58 8.55
C GLY B 149 -17.73 9.71 9.80
N LYS B 150 -18.85 9.07 10.11
CA LYS B 150 -18.87 8.13 11.22
C LYS B 150 -17.77 7.09 11.04
N ALA B 151 -17.01 6.85 12.10
CA ALA B 151 -15.89 5.93 12.03
C ALA B 151 -16.35 4.53 11.66
N THR B 152 -15.60 3.88 10.78
CA THR B 152 -15.77 2.47 10.58
C THR B 152 -15.23 1.72 11.80
N PRO B 153 -15.62 0.45 11.97
CA PRO B 153 -15.03 -0.33 13.07
C PRO B 153 -13.51 -0.35 13.03
N PHE B 154 -12.92 -0.47 11.84
CA PHE B 154 -11.46 -0.46 11.77
C PHE B 154 -10.90 0.90 12.15
N GLN B 155 -11.54 1.97 11.70
CA GLN B 155 -11.06 3.30 12.07
C GLN B 155 -11.09 3.52 13.58
N GLU B 156 -12.08 2.95 14.28
CA GLU B 156 -12.08 3.03 15.74
C GLU B 156 -10.86 2.33 16.33
N LEU B 157 -10.49 1.16 15.79
CA LEU B 157 -9.29 0.49 16.25
C LEU B 157 -8.07 1.37 16.05
N VAL B 158 -7.98 2.03 14.89
CA VAL B 158 -6.84 2.91 14.62
C VAL B 158 -6.80 4.06 15.63
N LEU B 159 -7.96 4.66 15.91
CA LEU B 159 -8.00 5.75 16.87
C LEU B 159 -7.52 5.29 18.25
N ARG B 160 -7.94 4.09 18.66
CA ARG B 160 -7.55 3.58 19.97
C ARG B 160 -6.07 3.21 20.01
N ALA B 161 -5.57 2.56 18.94
CA ALA B 161 -4.15 2.24 18.89
C ALA B 161 -3.31 3.51 18.87
N ALA B 162 -3.81 4.57 18.22
CA ALA B 162 -3.08 5.84 18.23
C ALA B 162 -3.02 6.45 19.62
N ALA B 163 -4.15 6.40 20.34
CA ALA B 163 -4.15 6.94 21.69
C ALA B 163 -3.20 6.15 22.58
N ARG B 164 -3.19 4.83 22.44
CA ARG B 164 -2.31 4.01 23.28
C ARG B 164 -0.85 4.27 22.95
N ALA B 165 -0.52 4.39 21.66
CA ALA B 165 0.87 4.68 21.29
C ALA B 165 1.30 6.06 21.78
N SER B 166 0.38 7.03 21.72
CA SER B 166 0.68 8.38 22.21
C SER B 166 0.96 8.36 23.71
N LEU B 167 0.08 7.71 24.48
CA LEU B 167 0.29 7.65 25.92
C LEU B 167 1.62 6.98 26.25
N ALA B 168 2.00 5.96 25.48
CA ALA B 168 3.22 5.22 25.76
C ALA B 168 4.47 6.00 25.38
N THR B 169 4.40 6.85 24.34
CA THR B 169 5.59 7.51 23.82
C THR B 169 5.65 9.01 24.10
N GLY B 170 4.50 9.64 24.35
CA GLY B 170 4.44 11.07 24.50
C GLY B 170 4.30 11.85 23.21
N VAL B 171 4.31 11.19 22.05
CA VAL B 171 4.21 11.94 20.79
C VAL B 171 2.74 12.27 20.55
N PRO B 172 2.44 13.39 19.90
CA PRO B 172 1.04 13.83 19.76
C PRO B 172 0.33 13.09 18.64
N VAL B 173 -0.98 13.34 18.57
CA VAL B 173 -1.88 12.73 17.59
C VAL B 173 -2.49 13.84 16.74
N THR B 174 -2.60 13.60 15.43
CA THR B 174 -3.22 14.55 14.53
C THR B 174 -4.16 13.81 13.60
N THR B 175 -5.30 14.43 13.25
CA THR B 175 -6.37 13.68 12.61
C THR B 175 -6.80 14.33 11.30
N HIS B 176 -7.34 13.47 10.44
CA HIS B 176 -8.08 13.86 9.25
C HIS B 176 -9.57 13.75 9.58
N THR B 177 -10.35 14.79 9.26
CA THR B 177 -11.80 14.77 9.47
C THR B 177 -12.54 15.12 8.18
N PHE B 178 -13.80 14.65 8.12
CA PHE B 178 -14.85 15.21 7.28
C PHE B 178 -15.49 16.30 8.14
N ALA B 179 -14.95 17.52 8.08
CA ALA B 179 -15.27 18.52 9.08
C ALA B 179 -16.77 18.86 9.09
N SER B 180 -17.40 18.87 7.91
CA SER B 180 -18.81 19.23 7.85
C SER B 180 -19.72 18.18 8.49
N GLN B 181 -19.22 16.97 8.73
CA GLN B 181 -19.95 15.96 9.49
C GLN B 181 -19.53 15.92 10.95
N ARG B 182 -18.74 16.90 11.40
CA ARG B 182 -18.38 17.06 12.80
C ARG B 182 -17.64 15.84 13.36
N ASP B 183 -16.80 15.23 12.51
CA ASP B 183 -16.06 14.02 12.90
C ASP B 183 -15.26 14.21 14.18
N GLY B 184 -14.79 15.42 14.43
CA GLY B 184 -13.95 15.66 15.60
C GLY B 184 -14.62 15.30 16.91
N GLU B 185 -15.95 15.37 16.96
CA GLU B 185 -16.65 15.00 18.19
C GLU B 185 -16.51 13.51 18.49
N GLN B 186 -16.73 12.64 17.49
CA GLN B 186 -16.56 11.21 17.76
C GLN B 186 -15.10 10.87 18.05
N GLN B 187 -14.18 11.51 17.32
CA GLN B 187 -12.76 11.27 17.58
C GLN B 187 -12.41 11.63 19.00
N ALA B 188 -12.87 12.80 19.46
CA ALA B 188 -12.63 13.24 20.83
C ALA B 188 -13.17 12.23 21.84
N ALA B 189 -14.38 11.72 21.61
CA ALA B 189 -14.97 10.77 22.53
C ALA B 189 -14.14 9.51 22.65
N ILE B 190 -13.65 9.00 21.52
CA ILE B 190 -12.84 7.79 21.53
C ILE B 190 -11.50 8.05 22.20
N PHE B 191 -10.85 9.17 21.84
CA PHE B 191 -9.59 9.54 22.49
C PHE B 191 -9.74 9.68 24.00
N GLU B 192 -10.85 10.28 24.44
CA GLU B 192 -11.02 10.50 25.87
C GLU B 192 -11.35 9.19 26.59
N SER B 193 -12.07 8.28 25.92
CA SER B 193 -12.25 6.95 26.51
C SER B 193 -10.93 6.22 26.71
N GLU B 194 -9.89 6.58 25.94
CA GLU B 194 -8.57 5.98 26.14
C GLU B 194 -7.71 6.77 27.10
N GLY B 195 -8.21 7.87 27.66
CA GLY B 195 -7.43 8.67 28.60
C GLY B 195 -6.45 9.62 27.96
N LEU B 196 -6.58 9.89 26.66
CA LEU B 196 -5.68 10.80 25.99
C LEU B 196 -6.05 12.25 26.33
N SER B 197 -5.04 13.08 26.56
CA SER B 197 -5.29 14.49 26.86
C SER B 197 -5.64 15.24 25.58
N PRO B 198 -6.72 16.04 25.58
CA PRO B 198 -7.04 16.83 24.37
C PRO B 198 -5.89 17.71 23.89
N SER B 199 -5.09 18.27 24.79
CA SER B 199 -3.96 19.11 24.40
C SER B 199 -2.93 18.36 23.56
N ARG B 200 -3.03 17.05 23.47
CA ARG B 200 -2.13 16.25 22.65
C ARG B 200 -2.76 15.82 21.34
N VAL B 201 -3.90 16.40 20.98
CA VAL B 201 -4.68 15.97 19.81
C VAL B 201 -5.01 17.20 18.96
N CYS B 202 -4.65 17.15 17.68
CA CYS B 202 -5.08 18.16 16.72
C CYS B 202 -6.17 17.57 15.84
N ILE B 203 -7.35 18.21 15.85
CA ILE B 203 -8.47 17.83 15.01
C ILE B 203 -8.30 18.56 13.69
N GLY B 204 -7.91 17.82 12.63
CA GLY B 204 -7.46 18.43 11.41
C GLY B 204 -8.55 18.63 10.37
N HIS B 205 -8.16 19.35 9.31
CA HIS B 205 -9.07 19.79 8.24
C HIS B 205 -10.27 20.55 8.80
N SER B 206 -10.07 21.23 9.94
CA SER B 206 -11.17 21.95 10.58
C SER B 206 -11.54 23.22 9.84
N ASP B 207 -10.69 23.70 8.93
CA ASP B 207 -11.09 24.85 8.11
C ASP B 207 -11.98 24.44 6.95
N ASP B 208 -12.28 23.14 6.80
CA ASP B 208 -13.21 22.72 5.76
C ASP B 208 -14.65 23.05 6.08
N THR B 209 -14.93 23.50 7.31
CA THR B 209 -16.29 23.82 7.74
C THR B 209 -16.36 25.27 8.18
N ASP B 210 -17.56 25.84 8.11
CA ASP B 210 -17.82 27.18 8.63
C ASP B 210 -18.51 27.16 9.99
N ASP B 211 -18.71 25.99 10.57
CA ASP B 211 -19.46 25.84 11.81
C ASP B 211 -18.57 26.21 12.98
N LEU B 212 -18.63 27.48 13.39
CA LEU B 212 -17.80 27.93 14.51
C LEU B 212 -18.22 27.31 15.83
N SER B 213 -19.51 27.01 16.00
CA SER B 213 -19.93 26.41 17.27
C SER B 213 -19.29 25.05 17.47
N TYR B 214 -19.16 24.29 16.38
CA TYR B 214 -18.46 23.00 16.42
C TYR B 214 -16.99 23.19 16.79
N LEU B 215 -16.32 24.15 16.14
CA LEU B 215 -14.89 24.34 16.38
C LEU B 215 -14.62 24.87 17.78
N THR B 216 -15.37 25.89 18.22
CA THR B 216 -15.11 26.48 19.53
C THR B 216 -15.43 25.50 20.66
N ALA B 217 -16.43 24.62 20.47
CA ALA B 217 -16.73 23.63 21.50
C ALA B 217 -15.58 22.64 21.66
N LEU B 218 -14.94 22.25 20.55
CA LEU B 218 -13.76 21.38 20.67
C LEU B 218 -12.59 22.14 21.31
N ALA B 219 -12.35 23.38 20.87
CA ALA B 219 -11.24 24.16 21.43
C ALA B 219 -11.44 24.41 22.92
N ALA B 220 -12.69 24.67 23.35
CA ALA B 220 -12.97 24.88 24.76
C ALA B 220 -12.66 23.65 25.59
N ARG B 221 -12.69 22.47 24.98
CA ARG B 221 -12.32 21.23 25.65
C ARG B 221 -10.81 20.99 25.67
N GLY B 222 -10.02 21.86 25.04
CA GLY B 222 -8.58 21.72 25.04
C GLY B 222 -8.00 21.10 23.79
N TYR B 223 -8.83 20.68 22.84
CA TYR B 223 -8.34 20.16 21.56
C TYR B 223 -7.64 21.26 20.79
N LEU B 224 -6.63 20.87 20.01
CA LEU B 224 -6.05 21.76 19.03
C LEU B 224 -6.87 21.69 17.75
N ILE B 225 -7.07 22.85 17.12
CA ILE B 225 -7.93 22.99 15.95
C ILE B 225 -7.03 23.21 14.75
N GLY B 226 -6.98 22.24 13.84
CA GLY B 226 -6.09 22.31 12.70
C GLY B 226 -6.72 23.02 11.51
N LEU B 227 -6.36 24.28 11.32
CA LEU B 227 -6.83 25.07 10.18
C LEU B 227 -5.73 24.95 9.13
N ASP B 228 -5.75 23.83 8.41
CA ASP B 228 -4.55 23.31 7.75
C ASP B 228 -4.65 23.28 6.24
N GLY B 229 -5.72 23.78 5.65
CA GLY B 229 -5.85 23.74 4.20
C GLY B 229 -6.18 25.09 3.61
N ILE B 230 -5.56 26.16 4.13
CA ILE B 230 -6.00 27.52 3.81
C ILE B 230 -5.96 27.79 2.31
N PRO B 231 -4.95 27.38 1.53
CA PRO B 231 -4.98 27.67 0.08
C PRO B 231 -5.82 26.70 -0.74
N HIS B 232 -6.52 25.76 -0.14
CA HIS B 232 -7.33 24.80 -0.90
C HIS B 232 -8.59 25.48 -1.40
N SER B 233 -8.65 25.78 -2.70
CA SER B 233 -9.82 26.42 -3.26
C SER B 233 -9.83 26.21 -4.76
N ALA B 234 -11.01 25.84 -5.29
CA ALA B 234 -11.22 25.69 -6.71
C ALA B 234 -11.95 26.89 -7.33
N ILE B 235 -11.98 28.03 -6.63
CA ILE B 235 -12.55 29.23 -7.25
C ILE B 235 -11.78 29.51 -8.53
N GLY B 236 -12.51 29.78 -9.61
CA GLY B 236 -11.90 29.94 -10.92
C GLY B 236 -11.72 28.64 -11.68
N LEU B 237 -11.94 27.50 -11.03
CA LEU B 237 -11.79 26.19 -11.65
C LEU B 237 -13.14 25.47 -11.65
N GLU B 238 -14.24 26.22 -11.79
CA GLU B 238 -15.57 25.63 -11.67
C GLU B 238 -15.87 24.62 -12.76
N ASP B 239 -15.20 24.70 -13.91
CA ASP B 239 -15.43 23.74 -14.97
C ASP B 239 -14.62 22.45 -14.78
N ASN B 240 -13.87 22.34 -13.69
CA ASN B 240 -13.05 21.16 -13.41
C ASN B 240 -13.69 20.44 -12.23
N ALA B 241 -14.38 19.33 -12.51
CA ALA B 241 -15.15 18.66 -11.47
C ALA B 241 -14.23 17.99 -10.44
N SER B 242 -13.12 17.41 -10.87
CA SER B 242 -12.24 16.75 -9.92
C SER B 242 -11.54 17.77 -9.02
N ALA B 243 -11.09 18.88 -9.58
CA ALA B 243 -10.46 19.90 -8.74
C ALA B 243 -11.48 20.52 -7.80
N SER B 244 -12.71 20.73 -8.26
CA SER B 244 -13.75 21.30 -7.41
C SER B 244 -14.12 20.37 -6.27
N ALA B 245 -14.21 19.06 -6.55
CA ALA B 245 -14.55 18.10 -5.51
C ALA B 245 -13.49 18.10 -4.42
N LEU B 246 -12.22 18.13 -4.81
CA LEU B 246 -11.12 18.01 -3.85
C LEU B 246 -10.92 19.31 -3.07
N LEU B 247 -10.90 20.44 -3.76
CA LEU B 247 -10.48 21.70 -3.14
C LEU B 247 -11.63 22.52 -2.59
N GLY B 248 -12.88 22.20 -2.96
CA GLY B 248 -14.01 22.97 -2.49
C GLY B 248 -14.16 24.32 -3.16
N ASN B 249 -15.29 24.99 -2.92
CA ASN B 249 -15.56 26.27 -3.56
C ASN B 249 -15.55 27.43 -2.57
N ARG B 250 -15.06 27.21 -1.34
CA ARG B 250 -14.82 28.27 -0.39
C ARG B 250 -13.44 28.88 -0.59
N SER B 251 -13.37 30.20 -0.53
CA SER B 251 -12.14 30.92 -0.82
C SER B 251 -11.11 30.71 0.28
N TRP B 252 -9.84 30.96 -0.06
CA TRP B 252 -8.82 30.95 0.96
C TRP B 252 -9.09 32.05 1.99
N GLN B 253 -9.69 33.17 1.58
CA GLN B 253 -9.99 34.23 2.55
C GLN B 253 -11.00 33.76 3.59
N THR B 254 -12.01 32.99 3.14
CA THR B 254 -13.00 32.44 4.06
C THR B 254 -12.34 31.50 5.06
N ARG B 255 -11.47 30.62 4.57
CA ARG B 255 -10.75 29.71 5.46
C ARG B 255 -9.86 30.49 6.43
N ALA B 256 -9.16 31.51 5.94
CA ALA B 256 -8.25 32.27 6.80
C ALA B 256 -9.01 33.07 7.85
N LEU B 257 -10.23 33.52 7.53
CA LEU B 257 -10.98 34.28 8.52
C LEU B 257 -11.44 33.42 9.68
N LEU B 258 -11.46 32.09 9.52
CA LEU B 258 -11.68 31.21 10.66
C LEU B 258 -10.56 31.33 11.68
N ILE B 259 -9.34 31.58 11.23
CA ILE B 259 -8.24 31.80 12.16
C ILE B 259 -8.52 33.02 13.02
N LYS B 260 -8.95 34.11 12.37
CA LYS B 260 -9.27 35.33 13.11
C LYS B 260 -10.48 35.10 14.02
N ALA B 261 -11.48 34.35 13.55
CA ALA B 261 -12.65 34.11 14.38
C ALA B 261 -12.27 33.38 15.66
N LEU B 262 -11.43 32.35 15.57
CA LEU B 262 -11.02 31.65 16.78
C LEU B 262 -10.20 32.55 17.69
N ILE B 263 -9.33 33.39 17.11
CA ILE B 263 -8.58 34.37 17.92
C ILE B 263 -9.53 35.28 18.65
N ASP B 264 -10.54 35.79 17.93
CA ASP B 264 -11.47 36.77 18.50
C ASP B 264 -12.30 36.17 19.62
N GLN B 265 -12.56 34.86 19.56
CA GLN B 265 -13.35 34.19 20.58
C GLN B 265 -12.50 33.63 21.70
N GLY B 266 -11.19 33.89 21.69
CA GLY B 266 -10.32 33.60 22.80
C GLY B 266 -9.55 32.30 22.72
N TYR B 267 -9.54 31.64 21.57
CA TYR B 267 -8.95 30.32 21.41
C TYR B 267 -7.63 30.33 20.63
N MET B 268 -6.89 31.45 20.67
CA MET B 268 -5.60 31.51 19.97
C MET B 268 -4.71 30.33 20.33
N LYS B 269 -4.68 29.94 21.61
CA LYS B 269 -3.74 28.92 22.04
C LYS B 269 -4.09 27.54 21.51
N GLN B 270 -5.30 27.35 20.98
CA GLN B 270 -5.74 26.08 20.43
C GLN B 270 -5.56 25.98 18.92
N ILE B 271 -5.04 27.00 18.25
CA ILE B 271 -4.98 27.04 16.79
C ILE B 271 -3.66 26.46 16.30
N LEU B 272 -3.72 25.60 15.28
CA LEU B 272 -2.58 25.29 14.43
C LEU B 272 -2.97 25.58 12.98
N VAL B 273 -2.03 26.13 12.20
CA VAL B 273 -2.33 26.46 10.80
C VAL B 273 -1.31 25.77 9.88
N SER B 274 -1.76 25.48 8.66
CA SER B 274 -0.88 24.86 7.68
C SER B 274 -1.53 25.02 6.31
N ASN B 275 -0.83 24.49 5.27
CA ASN B 275 -1.32 24.54 3.89
C ASN B 275 -1.92 23.24 3.41
N ASP B 276 -1.54 22.11 4.02
CA ASP B 276 -1.83 20.78 3.48
C ASP B 276 -1.46 20.71 2.00
N TRP B 277 -0.26 21.19 1.70
CA TRP B 277 0.26 21.16 0.34
C TRP B 277 1.08 19.89 0.11
N LEU B 278 1.43 19.66 -1.16
CA LEU B 278 2.25 18.52 -1.57
C LEU B 278 3.09 18.94 -2.77
N PHE B 279 4.13 18.16 -3.04
CA PHE B 279 4.93 18.34 -4.25
C PHE B 279 4.73 17.20 -5.25
N GLY B 280 4.14 16.10 -4.81
CA GLY B 280 3.67 15.06 -5.71
C GLY B 280 2.39 14.50 -5.15
N PHE B 281 1.56 13.95 -6.04
CA PHE B 281 0.18 13.61 -5.67
C PHE B 281 -0.29 12.55 -6.67
N SER B 282 -0.26 11.28 -6.25
CA SER B 282 -0.67 10.19 -7.12
C SER B 282 -1.96 9.52 -6.69
N SER B 283 -2.45 9.78 -5.49
CA SER B 283 -3.63 9.09 -5.00
C SER B 283 -4.95 9.71 -5.46
N TYR B 284 -4.91 10.63 -6.41
CA TYR B 284 -6.13 11.24 -6.96
C TYR B 284 -6.02 11.22 -8.49
N VAL B 285 -6.73 12.12 -9.16
CA VAL B 285 -6.70 12.13 -10.63
C VAL B 285 -5.32 12.57 -11.13
N THR B 286 -5.02 12.18 -12.37
CA THR B 286 -3.65 12.27 -12.87
C THR B 286 -3.14 13.72 -12.89
N ASN B 287 -3.94 14.68 -13.34
CA ASN B 287 -3.36 16.02 -13.50
C ASN B 287 -3.37 16.87 -12.23
N ILE B 288 -3.74 16.32 -11.07
CA ILE B 288 -4.15 17.17 -9.94
C ILE B 288 -3.02 18.06 -9.42
N MET B 289 -1.77 17.57 -9.44
CA MET B 289 -0.69 18.41 -8.89
C MET B 289 -0.46 19.63 -9.76
N ASP B 290 -0.54 19.47 -11.10
CA ASP B 290 -0.43 20.61 -11.99
C ASP B 290 -1.54 21.63 -11.75
N VAL B 291 -2.77 21.14 -11.53
CA VAL B 291 -3.90 22.03 -11.26
C VAL B 291 -3.67 22.77 -9.95
N MET B 292 -3.29 22.05 -8.90
CA MET B 292 -3.05 22.70 -7.62
C MET B 292 -1.92 23.71 -7.71
N ASP B 293 -0.86 23.39 -8.43
CA ASP B 293 0.24 24.35 -8.57
C ASP B 293 -0.19 25.61 -9.33
N SER B 294 -1.13 25.48 -10.26
CA SER B 294 -1.60 26.66 -10.98
C SER B 294 -2.41 27.57 -10.07
N VAL B 295 -3.07 26.98 -9.06
CA VAL B 295 -3.86 27.73 -8.09
C VAL B 295 -2.97 28.42 -7.08
N ASN B 296 -1.96 27.73 -6.57
CA ASN B 296 -1.13 28.24 -5.48
C ASN B 296 0.34 27.98 -5.78
N PRO B 297 0.95 28.81 -6.65
CA PRO B 297 2.37 28.63 -6.93
C PRO B 297 3.25 28.80 -5.71
N ASP B 298 2.79 29.53 -4.69
CA ASP B 298 3.57 29.70 -3.47
C ASP B 298 3.70 28.40 -2.67
N GLY B 299 2.87 27.39 -2.94
CA GLY B 299 3.02 26.12 -2.28
C GLY B 299 2.92 26.24 -0.77
N MET B 300 3.90 25.67 -0.07
CA MET B 300 3.92 25.73 1.39
C MET B 300 4.27 27.12 1.91
N ALA B 301 4.76 28.04 1.06
CA ALA B 301 4.99 29.40 1.51
C ALA B 301 3.71 30.21 1.57
N PHE B 302 2.56 29.62 1.26
CA PHE B 302 1.33 30.39 1.24
C PHE B 302 0.97 30.91 2.63
N ILE B 303 1.15 30.11 3.68
CA ILE B 303 0.81 30.60 5.03
C ILE B 303 1.62 31.86 5.32
N PRO B 304 2.97 31.85 5.26
CA PRO B 304 3.71 33.07 5.64
C PRO B 304 3.57 34.22 4.66
N LEU B 305 3.51 33.94 3.35
CA LEU B 305 3.50 35.02 2.37
C LEU B 305 2.12 35.62 2.16
N ARG B 306 1.06 34.85 2.39
CA ARG B 306 -0.27 35.37 2.09
C ARG B 306 -1.17 35.46 3.31
N VAL B 307 -1.17 34.44 4.17
CA VAL B 307 -2.12 34.42 5.28
C VAL B 307 -1.69 35.40 6.36
N ILE B 308 -0.41 35.42 6.72
CA ILE B 308 0.07 36.34 7.76
C ILE B 308 -0.17 37.80 7.38
N PRO B 309 0.19 38.26 6.16
CA PRO B 309 -0.15 39.65 5.81
C PRO B 309 -1.64 39.95 5.80
N PHE B 310 -2.47 38.98 5.42
CA PHE B 310 -3.91 39.17 5.41
C PHE B 310 -4.45 39.35 6.83
N LEU B 311 -4.01 38.51 7.76
CA LEU B 311 -4.47 38.64 9.14
C LEU B 311 -3.87 39.87 9.82
N ARG B 312 -2.63 40.24 9.49
CA ARG B 312 -2.02 41.45 10.04
C ARG B 312 -2.85 42.68 9.72
N GLU B 313 -3.27 42.82 8.46
CA GLU B 313 -4.06 43.99 8.09
C GLU B 313 -5.43 43.97 8.76
N LYS B 314 -5.95 42.79 9.05
CA LYS B 314 -7.18 42.67 9.82
C LYS B 314 -6.98 42.98 11.30
N GLY B 315 -5.77 43.34 11.71
CA GLY B 315 -5.54 43.78 13.07
C GLY B 315 -5.00 42.73 14.02
N VAL B 316 -4.71 41.52 13.55
CA VAL B 316 -4.12 40.49 14.40
C VAL B 316 -2.66 40.89 14.64
N PRO B 317 -2.23 41.09 15.89
CA PRO B 317 -0.84 41.48 16.14
C PRO B 317 0.14 40.41 15.68
N GLN B 318 1.31 40.86 15.23
CA GLN B 318 2.35 39.93 14.79
C GLN B 318 2.72 38.95 15.89
N GLU B 319 2.77 39.41 17.14
CA GLU B 319 3.14 38.51 18.23
C GLU B 319 2.13 37.37 18.39
N THR B 320 0.85 37.65 18.13
CA THR B 320 -0.16 36.59 18.13
C THR B 320 0.10 35.61 17.00
N LEU B 321 0.39 36.11 15.80
CA LEU B 321 0.67 35.23 14.68
C LEU B 321 1.92 34.39 14.91
N ALA B 322 2.93 34.98 15.56
CA ALA B 322 4.13 34.20 15.90
C ALA B 322 3.81 33.15 16.94
N GLY B 323 2.93 33.46 17.88
CA GLY B 323 2.52 32.45 18.84
C GLY B 323 1.86 31.26 18.19
N ILE B 324 1.02 31.51 17.18
CA ILE B 324 0.31 30.44 16.50
C ILE B 324 1.25 29.59 15.66
N THR B 325 2.22 30.22 14.99
CA THR B 325 3.08 29.54 14.02
C THR B 325 4.39 29.03 14.59
N VAL B 326 4.79 29.50 15.78
CA VAL B 326 6.05 29.08 16.39
C VAL B 326 5.79 28.36 17.71
N THR B 327 5.16 29.05 18.65
CA THR B 327 5.04 28.51 20.00
C THR B 327 4.02 27.38 20.07
N ASN B 328 2.83 27.58 19.50
CA ASN B 328 1.81 26.53 19.52
C ASN B 328 2.33 25.21 18.93
N PRO B 329 2.99 25.18 17.76
CA PRO B 329 3.51 23.89 17.27
C PRO B 329 4.59 23.32 18.16
N ALA B 330 5.42 24.17 18.76
CA ALA B 330 6.47 23.66 19.64
C ALA B 330 5.88 22.93 20.84
N ARG B 331 4.81 23.48 21.43
CA ARG B 331 4.15 22.80 22.54
C ARG B 331 3.49 21.50 22.10
N PHE B 332 2.89 21.51 20.91
CA PHE B 332 2.24 20.32 20.36
C PHE B 332 3.25 19.22 20.11
N LEU B 333 4.35 19.53 19.42
CA LEU B 333 5.30 18.50 19.00
C LEU B 333 6.21 18.02 20.11
N SER B 334 6.45 18.83 21.14
CA SER B 334 7.32 18.42 22.23
C SER B 334 6.71 17.21 22.91
N PRO B 335 7.41 16.08 23.01
CA PRO B 335 6.80 14.89 23.61
C PRO B 335 6.54 15.13 25.10
N THR B 336 5.43 14.56 25.57
CA THR B 336 5.14 14.58 26.99
C THR B 336 5.77 13.39 27.66
N LEU B 337 5.68 13.34 28.99
CA LEU B 337 6.16 12.19 29.72
C LEU B 337 5.43 10.94 29.26
N ARG B 338 6.19 9.85 29.12
CA ARG B 338 5.59 8.53 28.90
C ARG B 338 4.70 8.17 30.09
N ALA B 339 3.63 7.43 29.81
CA ALA B 339 2.82 6.90 30.90
C ALA B 339 3.65 5.94 31.75
N SER B 340 3.25 5.81 33.02
CA SER B 340 3.86 4.97 34.09
C SER B 340 4.82 5.79 34.95
#